data_3B4S
#
_entry.id   3B4S
#
_cell.length_a   147.438
_cell.length_b   147.438
_cell.length_c   382.487
_cell.angle_alpha   90.00
_cell.angle_beta   90.00
_cell.angle_gamma   120.00
#
_symmetry.space_group_name_H-M   'H 3 2'
#
_entity_poly.entity_id   1
_entity_poly.type   'polypeptide(L)'
_entity_poly.pdbx_seq_one_letter_code
;SNADGRIFK(MSE)FIEHLEFEKGLDAFSQSWIKALEDSEFLAILRLLFHHIVTSESAHEFAANGIDRLYK(MSE)VESQ
FGSGGDKELEWLIGRSLIQ(MSE)SK
;
_entity_poly.pdbx_strand_id   A,B,C,D,E,F,G,H
#
# COMPACT_ATOMS: atom_id res chain seq x y z
N ALA A 3 -27.48 30.73 -36.04
CA ALA A 3 -26.48 29.83 -35.39
C ALA A 3 -26.05 28.58 -36.24
N ASP A 4 -26.56 28.46 -37.48
CA ASP A 4 -26.43 27.23 -38.29
C ASP A 4 -25.37 27.17 -39.40
N GLY A 5 -25.36 28.12 -40.31
CA GLY A 5 -24.44 28.07 -41.46
C GLY A 5 -25.21 27.92 -42.75
N ARG A 6 -24.68 28.48 -43.85
CA ARG A 6 -25.44 28.58 -45.10
C ARG A 6 -25.79 27.22 -45.67
N ILE A 7 -24.87 26.26 -45.57
CA ILE A 7 -25.09 24.99 -46.26
C ILE A 7 -26.29 24.24 -45.69
N PHE A 8 -26.28 24.09 -44.37
CA PHE A 8 -27.33 23.36 -43.67
C PHE A 8 -28.71 24.06 -43.80
N LYS A 9 -28.68 25.39 -43.83
CA LYS A 9 -29.87 26.22 -43.93
C LYS A 9 -30.59 25.89 -45.22
N PHE A 11 -30.36 23.25 -46.87
CA PHE A 11 -30.75 21.88 -46.83
C PHE A 11 -32.05 21.72 -46.05
N ILE A 12 -32.01 22.18 -44.80
CA ILE A 12 -33.17 22.29 -43.91
C ILE A 12 -34.42 22.82 -44.63
N GLU A 13 -34.23 23.90 -45.39
CA GLU A 13 -35.27 24.58 -46.19
C GLU A 13 -36.15 23.69 -47.04
N HIS A 14 -35.67 22.51 -47.41
CA HIS A 14 -36.40 21.61 -48.28
C HIS A 14 -37.36 20.72 -47.48
N LEU A 15 -37.40 20.91 -46.16
CA LEU A 15 -38.00 19.90 -45.33
C LEU A 15 -39.07 20.48 -44.42
N GLU A 16 -40.21 19.79 -44.25
CA GLU A 16 -41.27 20.23 -43.33
C GLU A 16 -41.09 19.68 -41.91
N PHE A 17 -40.79 20.55 -40.95
CA PHE A 17 -40.62 20.12 -39.55
C PHE A 17 -41.80 20.41 -38.63
N GLU A 18 -42.59 21.44 -38.97
CA GLU A 18 -43.87 21.71 -38.28
C GLU A 18 -44.79 20.59 -38.70
N LYS A 19 -46.10 20.76 -38.61
CA LYS A 19 -46.90 19.90 -39.47
C LYS A 19 -46.75 18.35 -39.40
N GLY A 20 -45.97 17.77 -38.49
CA GLY A 20 -46.01 16.30 -38.34
C GLY A 20 -45.01 15.38 -39.02
N LEU A 21 -44.90 14.16 -38.52
CA LEU A 21 -43.90 13.23 -39.03
C LEU A 21 -44.04 12.78 -40.49
N ASP A 22 -45.22 12.35 -40.93
CA ASP A 22 -45.35 11.91 -42.33
C ASP A 22 -44.96 13.04 -43.21
N ALA A 23 -45.52 14.19 -42.88
CA ALA A 23 -45.28 15.40 -43.60
C ALA A 23 -43.77 15.62 -43.84
N PHE A 24 -42.97 15.30 -42.82
CA PHE A 24 -41.52 15.38 -42.93
C PHE A 24 -40.99 14.40 -43.98
N SER A 25 -41.32 13.10 -43.87
CA SER A 25 -40.82 12.10 -44.85
C SER A 25 -41.25 12.47 -46.23
N GLN A 26 -42.53 12.80 -46.33
CA GLN A 26 -43.06 13.38 -47.51
C GLN A 26 -42.12 14.41 -48.13
N SER A 27 -41.80 15.48 -47.39
CA SER A 27 -40.93 16.51 -47.95
C SER A 27 -39.56 15.95 -48.32
N TRP A 28 -39.04 15.06 -47.47
CA TRP A 28 -37.75 14.47 -47.73
C TRP A 28 -37.81 13.71 -49.07
N ILE A 29 -38.76 12.78 -49.21
CA ILE A 29 -38.94 12.03 -50.48
C ILE A 29 -39.01 12.96 -51.70
N LYS A 30 -39.73 14.06 -51.57
CA LYS A 30 -39.88 14.98 -52.67
C LYS A 30 -38.55 15.67 -52.92
N ALA A 31 -37.93 16.18 -51.86
CA ALA A 31 -36.70 16.95 -51.99
C ALA A 31 -35.71 16.10 -52.75
N LEU A 32 -35.84 14.79 -52.58
CA LEU A 32 -34.92 13.82 -53.15
C LEU A 32 -34.83 13.80 -54.68
N GLU A 33 -35.79 14.35 -55.39
CA GLU A 33 -35.56 14.39 -56.81
C GLU A 33 -35.12 15.74 -57.25
N ASP A 34 -34.76 16.58 -56.30
CA ASP A 34 -34.16 17.85 -56.61
C ASP A 34 -32.65 17.66 -56.53
N SER A 35 -31.95 18.07 -57.60
CA SER A 35 -30.50 17.97 -57.64
C SER A 35 -29.81 18.62 -56.48
N GLU A 36 -30.19 19.87 -56.19
CA GLU A 36 -29.51 20.65 -55.18
C GLU A 36 -29.53 19.97 -53.81
N PHE A 37 -30.66 19.34 -53.48
CA PHE A 37 -30.83 18.69 -52.19
C PHE A 37 -29.88 17.50 -52.15
N LEU A 38 -30.02 16.63 -53.14
CA LEU A 38 -29.18 15.47 -53.33
C LEU A 38 -27.64 15.75 -53.24
N ALA A 39 -27.16 16.82 -53.89
CA ALA A 39 -25.75 17.19 -53.84
C ALA A 39 -25.30 17.53 -52.44
N ILE A 40 -26.04 18.42 -51.77
CA ILE A 40 -25.74 18.81 -50.38
C ILE A 40 -25.74 17.64 -49.42
N LEU A 41 -26.68 16.73 -49.62
CA LEU A 41 -26.71 15.54 -48.79
C LEU A 41 -25.44 14.74 -49.02
N ARG A 42 -25.04 14.65 -50.29
CA ARG A 42 -23.88 13.86 -50.61
C ARG A 42 -22.67 14.49 -49.94
N LEU A 43 -22.57 15.79 -49.95
CA LEU A 43 -21.55 16.45 -49.22
C LEU A 43 -21.66 16.17 -47.75
N LEU A 44 -22.84 16.26 -47.16
CA LEU A 44 -22.96 16.03 -45.72
C LEU A 44 -22.48 14.64 -45.40
N PHE A 45 -22.88 13.70 -46.26
CA PHE A 45 -22.56 12.30 -46.06
C PHE A 45 -21.05 12.13 -46.11
N HIS A 46 -20.45 12.84 -47.04
CA HIS A 46 -19.08 12.62 -47.37
C HIS A 46 -18.25 13.04 -46.17
N HIS A 47 -18.69 14.09 -45.50
CA HIS A 47 -18.05 14.55 -44.30
C HIS A 47 -17.92 13.41 -43.28
N ILE A 48 -19.02 12.76 -42.93
CA ILE A 48 -18.95 11.76 -41.85
C ILE A 48 -18.44 10.42 -42.32
N VAL A 49 -18.38 10.22 -43.63
CA VAL A 49 -17.77 9.02 -44.14
C VAL A 49 -16.26 9.16 -44.25
N THR A 50 -15.76 10.33 -44.59
CA THR A 50 -14.33 10.47 -44.84
C THR A 50 -13.52 11.03 -43.70
N SER A 51 -14.12 11.22 -42.53
CA SER A 51 -13.32 11.31 -41.31
C SER A 51 -14.06 10.77 -40.07
N GLU A 52 -13.39 10.55 -38.97
CA GLU A 52 -13.89 9.66 -37.94
C GLU A 52 -13.95 10.36 -36.58
N SER A 53 -14.85 9.96 -35.71
CA SER A 53 -14.93 10.55 -34.37
C SER A 53 -13.74 10.11 -33.51
N ALA A 54 -13.27 10.97 -32.61
CA ALA A 54 -12.21 10.59 -31.71
C ALA A 54 -12.57 9.40 -30.83
N HIS A 55 -13.80 9.37 -30.31
CA HIS A 55 -14.20 8.23 -29.48
C HIS A 55 -14.06 6.93 -30.26
N GLU A 56 -14.43 6.95 -31.53
CA GLU A 56 -14.30 5.79 -32.43
C GLU A 56 -12.86 5.34 -32.68
N PHE A 57 -11.98 6.32 -32.89
CA PHE A 57 -10.59 6.06 -33.16
C PHE A 57 -9.88 5.47 -31.98
N ALA A 58 -9.99 6.13 -30.83
CA ALA A 58 -9.43 5.61 -29.59
C ALA A 58 -9.78 4.12 -29.39
N ALA A 59 -10.82 3.62 -30.03
CA ALA A 59 -11.23 2.25 -29.81
C ALA A 59 -10.73 1.20 -30.81
N ASN A 60 -9.68 1.50 -31.57
CA ASN A 60 -9.20 0.58 -32.60
C ASN A 60 -8.62 -0.68 -32.02
N GLY A 61 -8.54 -1.69 -32.87
CA GLY A 61 -8.01 -2.99 -32.50
C GLY A 61 -6.54 -2.95 -32.18
N ILE A 62 -5.73 -2.24 -32.96
CA ILE A 62 -4.29 -2.21 -32.69
C ILE A 62 -4.04 -1.81 -31.24
N ASP A 63 -4.70 -0.77 -30.75
CA ASP A 63 -4.50 -0.41 -29.37
C ASP A 63 -5.05 -1.43 -28.35
N ARG A 64 -6.23 -2.02 -28.60
CA ARG A 64 -6.74 -3.16 -27.80
C ARG A 64 -5.61 -4.18 -27.75
N LEU A 65 -5.05 -4.52 -28.90
CA LEU A 65 -4.06 -5.58 -29.02
C LEU A 65 -2.90 -5.29 -28.14
N TYR A 66 -2.45 -4.06 -28.26
CA TYR A 66 -1.28 -3.58 -27.57
C TYR A 66 -1.43 -3.72 -26.07
N LYS A 67 -2.63 -3.43 -25.59
CA LYS A 67 -2.89 -3.51 -24.17
C LYS A 67 -3.05 -4.94 -23.65
N VAL A 69 -1.42 -7.51 -25.03
CA VAL A 69 -0.02 -7.95 -24.99
C VAL A 69 0.65 -7.44 -23.72
N GLU A 70 0.50 -6.15 -23.46
CA GLU A 70 1.22 -5.55 -22.35
C GLU A 70 0.84 -6.15 -21.01
N SER A 71 -0.46 -6.14 -20.77
CA SER A 71 -1.07 -6.63 -19.57
C SER A 71 -0.54 -8.04 -19.27
N GLN A 72 -0.39 -8.82 -20.32
CA GLN A 72 0.01 -10.18 -20.21
C GLN A 72 1.54 -10.34 -20.15
N PHE A 73 2.29 -9.56 -20.93
CA PHE A 73 3.73 -9.78 -21.05
C PHE A 73 4.59 -8.57 -20.74
N GLY A 74 3.98 -7.46 -20.34
CA GLY A 74 4.74 -6.28 -19.95
C GLY A 74 5.45 -5.70 -21.14
N SER A 75 6.30 -4.73 -20.91
CA SER A 75 6.94 -4.05 -22.01
C SER A 75 7.80 -4.99 -22.84
N GLY A 76 8.31 -6.05 -22.25
CA GLY A 76 9.01 -7.08 -23.00
C GLY A 76 8.15 -7.59 -24.14
N GLY A 77 6.89 -7.88 -23.84
CA GLY A 77 5.94 -8.29 -24.85
C GLY A 77 5.64 -7.19 -25.86
N ASP A 78 5.54 -5.95 -25.39
CA ASP A 78 5.37 -4.81 -26.26
C ASP A 78 6.46 -4.78 -27.30
N LYS A 79 7.69 -4.93 -26.85
CA LYS A 79 8.85 -4.85 -27.72
C LYS A 79 8.79 -5.97 -28.75
N GLU A 80 8.19 -7.09 -28.40
CA GLU A 80 8.11 -8.21 -29.29
C GLU A 80 6.97 -8.05 -30.28
N LEU A 81 5.84 -7.58 -29.79
CA LEU A 81 4.66 -7.35 -30.60
C LEU A 81 5.03 -6.33 -31.64
N GLU A 82 5.74 -5.31 -31.16
CA GLU A 82 6.19 -4.24 -32.04
C GLU A 82 6.98 -4.86 -33.18
N TRP A 83 7.93 -5.73 -32.86
CA TRP A 83 8.68 -6.46 -33.88
C TRP A 83 7.76 -7.23 -34.85
N LEU A 84 6.90 -8.09 -34.31
CA LEU A 84 5.96 -8.82 -35.15
C LEU A 84 5.18 -7.87 -36.06
N ILE A 85 4.54 -6.85 -35.49
CA ILE A 85 3.82 -5.92 -36.34
C ILE A 85 4.66 -5.44 -37.54
N GLY A 86 5.92 -5.08 -37.29
CA GLY A 86 6.85 -4.63 -38.31
C GLY A 86 7.04 -5.70 -39.36
N ARG A 87 7.43 -6.89 -38.92
CA ARG A 87 7.54 -8.00 -39.86
C ARG A 87 6.32 -8.19 -40.76
N SER A 88 5.13 -8.14 -40.18
CA SER A 88 3.89 -8.29 -40.92
C SER A 88 3.73 -7.23 -41.98
N LEU A 89 3.91 -5.96 -41.59
CA LEU A 89 3.73 -4.83 -42.47
C LEU A 89 4.67 -4.93 -43.65
N ILE A 90 5.92 -5.36 -43.37
CA ILE A 90 6.90 -5.65 -44.43
C ILE A 90 6.40 -6.79 -45.31
N GLN A 91 6.07 -7.93 -44.72
CA GLN A 91 5.55 -9.00 -45.53
C GLN A 91 4.41 -8.51 -46.45
N SER A 93 4.02 -5.71 -48.03
CA SER A 93 4.51 -5.01 -49.20
C SER A 93 5.18 -5.96 -50.19
N LYS A 94 5.81 -7.02 -49.67
CA LYS A 94 6.67 -7.99 -50.43
C LYS A 94 5.84 -8.87 -51.40
N ASP B 4 -19.01 24.43 -64.88
CA ASP B 4 -18.93 24.55 -63.36
C ASP B 4 -19.26 23.25 -62.59
N GLY B 5 -18.79 23.19 -61.35
CA GLY B 5 -19.20 22.11 -60.48
C GLY B 5 -20.51 22.46 -59.84
N ARG B 6 -21.27 21.43 -59.51
CA ARG B 6 -22.25 21.46 -58.42
C ARG B 6 -21.59 22.11 -57.20
N ILE B 7 -20.47 21.50 -56.77
CA ILE B 7 -19.68 22.00 -55.66
C ILE B 7 -19.33 23.47 -55.81
N PHE B 8 -18.76 23.86 -56.95
CA PHE B 8 -18.33 25.24 -57.18
C PHE B 8 -19.46 26.25 -57.04
N LYS B 9 -20.61 25.98 -57.65
CA LYS B 9 -21.79 26.81 -57.51
C LYS B 9 -22.13 27.07 -56.04
N PHE B 11 -20.23 26.55 -53.51
CA PHE B 11 -19.14 27.19 -52.81
C PHE B 11 -19.31 28.67 -52.96
N ILE B 12 -19.32 29.11 -54.20
CA ILE B 12 -19.51 30.50 -54.62
C ILE B 12 -20.69 31.20 -53.96
N GLU B 13 -21.78 30.46 -53.73
CA GLU B 13 -22.95 31.00 -53.07
C GLU B 13 -22.77 31.36 -51.61
N HIS B 14 -21.62 31.07 -51.05
CA HIS B 14 -21.38 31.46 -49.68
C HIS B 14 -20.86 32.86 -49.64
N LEU B 15 -20.35 33.31 -50.79
CA LEU B 15 -19.56 34.51 -50.81
C LEU B 15 -20.30 35.62 -51.48
N GLU B 16 -20.08 36.85 -51.01
CA GLU B 16 -20.61 38.09 -51.61
C GLU B 16 -19.61 38.78 -52.56
N PHE B 17 -19.94 38.82 -53.86
CA PHE B 17 -19.04 39.44 -54.85
C PHE B 17 -19.41 40.86 -55.29
N GLU B 18 -20.70 41.16 -55.18
CA GLU B 18 -21.29 42.40 -55.64
C GLU B 18 -21.06 43.61 -54.75
N LYS B 19 -20.53 43.48 -53.53
CA LYS B 19 -20.44 44.68 -52.66
C LYS B 19 -19.06 45.04 -52.20
N GLY B 20 -18.05 44.69 -53.00
CA GLY B 20 -16.71 45.22 -52.77
C GLY B 20 -15.95 44.41 -51.76
N LEU B 21 -14.66 44.68 -51.69
CA LEU B 21 -13.76 43.90 -50.82
C LEU B 21 -14.35 43.50 -49.47
N ASP B 22 -14.88 44.45 -48.68
CA ASP B 22 -15.28 44.11 -47.31
C ASP B 22 -16.43 43.19 -47.21
N ALA B 23 -17.45 43.39 -48.04
CA ALA B 23 -18.57 42.47 -48.03
C ALA B 23 -18.08 41.05 -48.32
N PHE B 24 -17.06 40.97 -49.17
CA PHE B 24 -16.53 39.70 -49.61
C PHE B 24 -15.85 39.08 -48.43
N SER B 25 -14.83 39.75 -47.88
CA SER B 25 -14.24 39.40 -46.63
C SER B 25 -15.23 38.92 -45.57
N GLN B 26 -16.21 39.76 -45.22
CA GLN B 26 -17.24 39.37 -44.25
C GLN B 26 -17.79 37.99 -44.60
N SER B 27 -18.24 37.76 -45.83
CA SER B 27 -18.90 36.50 -46.17
C SER B 27 -17.99 35.29 -45.97
N TRP B 28 -16.74 35.40 -46.40
CA TRP B 28 -15.79 34.33 -46.25
C TRP B 28 -15.61 34.10 -44.77
N ILE B 29 -15.17 35.12 -44.05
CA ILE B 29 -14.98 35.03 -42.61
C ILE B 29 -16.21 34.38 -41.98
N LYS B 30 -17.40 34.83 -42.33
CA LYS B 30 -18.61 34.26 -41.76
C LYS B 30 -18.73 32.78 -42.10
N ALA B 31 -18.42 32.41 -43.33
CA ALA B 31 -18.61 31.03 -43.76
C ALA B 31 -17.76 30.09 -42.94
N LEU B 32 -16.57 30.56 -42.53
CA LEU B 32 -15.57 29.72 -41.87
C LEU B 32 -16.06 29.33 -40.52
N GLU B 33 -17.21 29.85 -40.15
CA GLU B 33 -17.83 29.47 -38.93
C GLU B 33 -18.64 28.21 -39.13
N ASP B 34 -18.93 27.83 -40.37
CA ASP B 34 -19.75 26.64 -40.61
C ASP B 34 -18.85 25.52 -41.07
N SER B 35 -18.93 24.41 -40.35
CA SER B 35 -17.98 23.34 -40.52
C SER B 35 -18.26 22.65 -41.87
N GLU B 36 -19.50 22.64 -42.32
CA GLU B 36 -19.71 22.12 -43.67
C GLU B 36 -18.96 22.93 -44.73
N PHE B 37 -18.71 24.21 -44.47
CA PHE B 37 -17.97 25.07 -45.41
C PHE B 37 -16.48 24.73 -45.41
N LEU B 38 -15.91 24.52 -44.22
CA LEU B 38 -14.54 24.06 -44.10
C LEU B 38 -14.32 22.78 -44.88
N ALA B 39 -15.27 21.86 -44.79
CA ALA B 39 -15.21 20.60 -45.56
C ALA B 39 -15.07 20.88 -47.06
N ILE B 40 -15.79 21.90 -47.56
CA ILE B 40 -15.71 22.24 -48.98
C ILE B 40 -14.34 22.78 -49.27
N LEU B 41 -13.89 23.67 -48.41
CA LEU B 41 -12.58 24.26 -48.61
C LEU B 41 -11.49 23.19 -48.69
N ARG B 42 -11.65 22.11 -47.92
CA ARG B 42 -10.73 20.98 -48.00
C ARG B 42 -10.75 20.38 -49.39
N LEU B 43 -11.93 20.08 -49.93
CA LEU B 43 -11.98 19.59 -51.30
C LEU B 43 -11.18 20.51 -52.20
N LEU B 44 -11.38 21.81 -52.04
CA LEU B 44 -10.71 22.82 -52.85
C LEU B 44 -9.20 22.70 -52.81
N PHE B 45 -8.63 22.45 -51.63
CA PHE B 45 -7.19 22.39 -51.49
C PHE B 45 -6.63 21.00 -51.65
N HIS B 46 -7.47 19.97 -51.73
CA HIS B 46 -6.95 18.61 -51.69
C HIS B 46 -5.82 18.38 -52.67
N HIS B 47 -6.00 18.77 -53.91
CA HIS B 47 -5.00 18.41 -54.89
C HIS B 47 -3.69 19.19 -54.75
N ILE B 48 -3.79 20.47 -54.49
CA ILE B 48 -2.64 21.34 -54.37
C ILE B 48 -1.67 20.86 -53.30
N VAL B 49 -2.15 20.25 -52.22
CA VAL B 49 -1.22 19.82 -51.17
C VAL B 49 -0.68 18.43 -51.36
N THR B 50 -0.53 18.03 -52.62
CA THR B 50 -0.12 16.70 -53.00
C THR B 50 1.29 16.78 -53.56
N SER B 51 2.05 15.70 -53.54
CA SER B 51 3.41 15.82 -54.07
C SER B 51 3.70 14.78 -55.13
N GLU B 52 4.45 15.22 -56.14
CA GLU B 52 4.95 14.33 -57.18
C GLU B 52 5.68 13.21 -56.46
N SER B 53 6.57 13.63 -55.57
CA SER B 53 7.34 12.74 -54.76
C SER B 53 6.47 11.74 -54.02
N ALA B 54 5.44 12.25 -53.33
CA ALA B 54 4.63 11.45 -52.42
C ALA B 54 4.21 10.14 -53.02
N HIS B 55 3.72 10.11 -54.25
CA HIS B 55 3.24 8.85 -54.82
C HIS B 55 4.37 7.78 -54.89
N GLU B 56 5.60 8.18 -55.27
CA GLU B 56 6.73 7.21 -55.37
C GLU B 56 7.03 6.65 -54.00
N PHE B 57 7.06 7.55 -53.03
CA PHE B 57 7.44 7.27 -51.67
C PHE B 57 6.48 6.27 -51.04
N ALA B 58 5.22 6.27 -51.48
CA ALA B 58 4.26 5.33 -50.91
C ALA B 58 4.33 4.01 -51.64
N ALA B 59 4.82 4.10 -52.88
CA ALA B 59 4.94 2.96 -53.79
C ALA B 59 6.21 2.10 -53.61
N ASN B 60 7.32 2.64 -53.12
CA ASN B 60 8.52 1.82 -52.97
C ASN B 60 9.44 2.37 -51.86
N GLY B 61 8.94 3.30 -51.06
CA GLY B 61 9.74 3.93 -50.02
C GLY B 61 10.26 3.00 -48.95
N ILE B 62 9.44 2.08 -48.42
CA ILE B 62 10.00 1.17 -47.41
C ILE B 62 11.05 0.26 -48.03
N ASP B 63 10.95 0.04 -49.32
CA ASP B 63 11.94 -0.79 -49.99
C ASP B 63 13.32 -0.17 -50.07
N ARG B 64 13.41 1.11 -50.44
CA ARG B 64 14.68 1.78 -50.46
C ARG B 64 15.17 1.83 -49.04
N LEU B 65 14.24 2.00 -48.11
CA LEU B 65 14.57 2.17 -46.71
C LEU B 65 15.12 0.86 -46.15
N TYR B 66 14.49 -0.22 -46.53
CA TYR B 66 14.92 -1.53 -46.11
C TYR B 66 16.31 -1.88 -46.62
N LYS B 67 16.57 -1.58 -47.89
CA LYS B 67 17.90 -1.83 -48.50
C LYS B 67 19.02 -1.04 -47.85
N VAL B 69 19.03 0.13 -44.87
CA VAL B 69 19.25 -0.35 -43.50
C VAL B 69 20.18 -1.54 -43.56
N GLU B 70 19.95 -2.43 -44.51
CA GLU B 70 20.72 -3.65 -44.70
C GLU B 70 22.17 -3.34 -45.06
N SER B 71 22.31 -2.33 -45.90
CA SER B 71 23.55 -1.82 -46.36
C SER B 71 24.41 -1.37 -45.21
N GLN B 72 23.84 -0.64 -44.28
CA GLN B 72 24.59 -0.12 -43.16
C GLN B 72 24.77 -1.08 -42.01
N PHE B 73 23.80 -1.98 -41.80
CA PHE B 73 23.81 -2.81 -40.61
C PHE B 73 23.75 -4.33 -40.79
N GLY B 74 23.56 -4.81 -42.03
CA GLY B 74 23.48 -6.27 -42.30
C GLY B 74 22.13 -6.82 -41.89
N SER B 75 21.96 -8.15 -41.95
CA SER B 75 20.72 -8.83 -41.46
C SER B 75 20.32 -8.28 -40.10
N GLY B 76 21.30 -8.10 -39.22
CA GLY B 76 21.10 -7.40 -37.96
C GLY B 76 20.09 -6.27 -38.08
N GLY B 77 20.25 -5.41 -39.08
CA GLY B 77 19.36 -4.27 -39.29
C GLY B 77 17.93 -4.59 -39.68
N ASP B 78 17.68 -5.70 -40.36
CA ASP B 78 16.30 -6.03 -40.71
C ASP B 78 15.39 -6.15 -39.49
N LYS B 79 15.79 -7.03 -38.55
CA LYS B 79 15.06 -7.23 -37.31
C LYS B 79 14.84 -5.89 -36.60
N GLU B 80 15.82 -5.02 -36.67
CA GLU B 80 15.75 -3.71 -36.03
C GLU B 80 14.69 -2.80 -36.65
N LEU B 81 14.67 -2.72 -37.99
CA LEU B 81 13.76 -1.84 -38.72
C LEU B 81 12.32 -2.26 -38.50
N GLU B 82 12.08 -3.56 -38.61
CA GLU B 82 10.80 -4.15 -38.27
C GLU B 82 10.35 -3.71 -36.89
N TRP B 83 11.16 -3.92 -35.87
CA TRP B 83 10.79 -3.43 -34.57
C TRP B 83 10.40 -1.94 -34.62
N LEU B 84 11.27 -1.09 -35.15
CA LEU B 84 10.94 0.32 -35.28
C LEU B 84 9.62 0.67 -36.01
N ILE B 85 9.29 -0.07 -37.06
CA ILE B 85 8.08 0.21 -37.80
C ILE B 85 6.85 -0.13 -36.95
N GLY B 86 6.89 -1.33 -36.38
CA GLY B 86 5.87 -1.75 -35.45
C GLY B 86 5.70 -0.69 -34.38
N ARG B 87 6.79 -0.30 -33.75
CA ARG B 87 6.71 0.74 -32.76
C ARG B 87 5.99 2.02 -33.30
N SER B 88 6.12 2.26 -34.60
CA SER B 88 5.51 3.42 -35.23
C SER B 88 4.01 3.23 -35.36
N LEU B 89 3.58 2.07 -35.86
CA LEU B 89 2.15 1.80 -35.88
C LEU B 89 1.60 1.86 -34.48
N ILE B 90 2.25 1.27 -33.49
CA ILE B 90 1.67 1.31 -32.16
C ILE B 90 1.42 2.77 -31.79
N GLN B 91 2.37 3.61 -32.15
CA GLN B 91 2.29 5.01 -31.85
C GLN B 91 1.13 5.71 -32.48
N SER B 93 -1.67 4.50 -33.02
CA SER B 93 -2.93 3.95 -32.51
C SER B 93 -3.30 4.41 -31.12
N LYS B 94 -2.48 5.23 -30.48
CA LYS B 94 -2.70 5.57 -29.07
C LYS B 94 -3.02 7.02 -28.87
N ALA C 3 14.73 7.12 -7.84
CA ALA C 3 13.47 7.22 -7.00
C ALA C 3 13.46 6.29 -5.75
N ASP C 4 14.44 5.36 -5.65
CA ASP C 4 14.30 4.04 -4.95
C ASP C 4 15.11 3.70 -3.66
N GLY C 5 16.42 3.90 -3.65
CA GLY C 5 17.15 3.73 -2.41
C GLY C 5 18.12 2.56 -2.43
N ARG C 6 19.25 2.72 -1.74
CA ARG C 6 20.40 1.84 -1.85
C ARG C 6 20.12 0.35 -1.61
N ILE C 7 19.38 0.00 -0.55
CA ILE C 7 19.07 -1.42 -0.33
C ILE C 7 18.37 -2.02 -1.54
N PHE C 8 17.29 -1.39 -2.01
CA PHE C 8 16.54 -1.96 -3.12
C PHE C 8 17.40 -2.09 -4.38
N LYS C 9 18.27 -1.10 -4.58
CA LYS C 9 19.29 -1.08 -5.64
C LYS C 9 20.26 -2.23 -5.52
N PHE C 11 19.70 -4.99 -4.10
CA PHE C 11 18.91 -6.20 -4.30
C PHE C 11 18.71 -6.52 -5.79
N ILE C 12 18.06 -5.60 -6.52
CA ILE C 12 17.87 -5.59 -7.98
C ILE C 12 19.07 -6.00 -8.82
N GLU C 13 20.26 -5.63 -8.35
CA GLU C 13 21.48 -5.86 -9.06
C GLU C 13 21.83 -7.32 -9.19
N HIS C 14 21.21 -8.20 -8.43
CA HIS C 14 21.48 -9.60 -8.62
C HIS C 14 20.53 -10.17 -9.67
N LEU C 15 19.71 -9.33 -10.29
CA LEU C 15 18.57 -9.82 -11.05
C LEU C 15 18.65 -9.43 -12.51
N GLU C 16 18.02 -10.20 -13.42
CA GLU C 16 18.18 -9.96 -14.85
C GLU C 16 16.93 -9.58 -15.71
N PHE C 17 16.52 -8.31 -15.60
CA PHE C 17 15.42 -7.72 -16.36
C PHE C 17 15.62 -7.50 -17.88
N GLU C 18 16.85 -7.65 -18.35
CA GLU C 18 17.18 -7.26 -19.73
C GLU C 18 17.00 -8.34 -20.80
N LYS C 19 17.40 -9.58 -20.57
CA LYS C 19 16.88 -10.65 -21.41
C LYS C 19 15.57 -11.10 -20.75
N GLY C 20 14.96 -12.17 -21.26
CA GLY C 20 13.53 -12.41 -20.95
C GLY C 20 13.20 -12.93 -19.56
N LEU C 21 11.95 -13.38 -19.40
CA LEU C 21 11.51 -13.96 -18.13
C LEU C 21 12.44 -15.06 -17.60
N ASP C 22 12.81 -16.01 -18.46
CA ASP C 22 13.66 -17.13 -18.05
C ASP C 22 14.97 -16.64 -17.53
N ALA C 23 15.58 -15.72 -18.27
CA ALA C 23 16.73 -15.04 -17.74
C ALA C 23 16.47 -14.48 -16.31
N PHE C 24 15.38 -13.71 -16.14
CA PHE C 24 15.05 -13.12 -14.83
C PHE C 24 15.05 -14.19 -13.74
N SER C 25 14.16 -15.12 -13.94
CA SER C 25 14.07 -16.33 -13.18
C SER C 25 15.41 -17.10 -12.88
N GLN C 26 16.25 -17.40 -13.91
CA GLN C 26 17.57 -18.03 -13.70
C GLN C 26 18.27 -17.23 -12.64
N SER C 27 18.38 -15.96 -13.02
CA SER C 27 18.98 -14.90 -12.32
C SER C 27 18.70 -14.99 -10.85
N TRP C 28 17.42 -15.09 -10.50
CA TRP C 28 16.96 -15.24 -9.13
C TRP C 28 17.55 -16.52 -8.52
N ILE C 29 17.06 -17.68 -8.91
CA ILE C 29 17.61 -18.95 -8.45
C ILE C 29 19.13 -18.95 -8.17
N LYS C 30 19.93 -18.36 -9.06
CA LYS C 30 21.36 -18.22 -8.83
C LYS C 30 21.61 -17.35 -7.61
N ALA C 31 20.94 -16.21 -7.51
CA ALA C 31 21.12 -15.28 -6.39
C ALA C 31 20.63 -15.88 -5.07
N LEU C 32 19.78 -16.90 -5.16
CA LEU C 32 19.21 -17.55 -3.99
C LEU C 32 20.25 -18.39 -3.25
N GLU C 33 21.48 -18.34 -3.73
CA GLU C 33 22.58 -18.96 -3.02
C GLU C 33 23.75 -18.02 -2.82
N ASP C 34 23.62 -16.78 -3.28
CA ASP C 34 24.44 -15.67 -2.78
C ASP C 34 23.87 -15.24 -1.41
N SER C 35 24.67 -14.60 -0.57
CA SER C 35 24.27 -14.35 0.81
C SER C 35 23.77 -12.96 1.02
N GLU C 36 24.37 -11.99 0.34
CA GLU C 36 23.85 -10.64 0.33
C GLU C 36 22.37 -10.68 -0.10
N PHE C 37 22.11 -11.40 -1.20
CA PHE C 37 20.74 -11.51 -1.72
C PHE C 37 19.79 -12.07 -0.67
N LEU C 38 20.12 -13.26 -0.14
CA LEU C 38 19.32 -13.88 0.89
C LEU C 38 19.02 -12.92 2.01
N ALA C 39 20.04 -12.19 2.47
CA ALA C 39 19.92 -11.26 3.59
C ALA C 39 18.90 -10.17 3.32
N ILE C 40 18.96 -9.60 2.12
CA ILE C 40 18.09 -8.49 1.81
C ILE C 40 16.68 -9.00 1.64
N LEU C 41 16.55 -10.20 1.07
CA LEU C 41 15.23 -10.75 0.83
C LEU C 41 14.55 -10.91 2.17
N ARG C 42 15.27 -11.53 3.10
CA ARG C 42 14.81 -11.70 4.44
C ARG C 42 14.28 -10.39 4.97
N LEU C 43 15.03 -9.31 4.82
CA LEU C 43 14.58 -8.05 5.40
C LEU C 43 13.35 -7.53 4.70
N LEU C 44 13.35 -7.55 3.37
CA LEU C 44 12.16 -7.23 2.63
C LEU C 44 11.00 -8.02 3.21
N PHE C 45 11.17 -9.32 3.39
CA PHE C 45 10.06 -10.15 3.81
C PHE C 45 9.59 -9.74 5.17
N HIS C 46 10.56 -9.61 6.06
CA HIS C 46 10.33 -9.24 7.43
C HIS C 46 9.46 -7.99 7.46
N HIS C 47 9.84 -6.99 6.69
CA HIS C 47 9.08 -5.76 6.65
C HIS C 47 7.59 -6.02 6.47
N ILE C 48 7.20 -6.91 5.57
CA ILE C 48 5.76 -7.03 5.27
C ILE C 48 5.12 -8.06 6.16
N VAL C 49 5.92 -8.91 6.76
CA VAL C 49 5.34 -9.85 7.69
C VAL C 49 5.01 -9.22 9.05
N THR C 50 5.83 -8.30 9.52
CA THR C 50 5.56 -7.70 10.82
C THR C 50 4.97 -6.31 10.76
N SER C 51 4.27 -6.01 9.69
CA SER C 51 3.55 -4.77 9.57
C SER C 51 2.34 -5.06 8.75
N GLU C 52 1.43 -4.11 8.57
CA GLU C 52 0.18 -4.44 7.97
C GLU C 52 -0.36 -3.18 7.41
N SER C 53 -0.85 -3.21 6.18
CA SER C 53 -1.37 -1.98 5.57
C SER C 53 -2.58 -1.47 6.31
N ALA C 54 -2.85 -0.17 6.26
CA ALA C 54 -4.06 0.35 6.89
C ALA C 54 -5.28 -0.35 6.32
N HIS C 55 -5.39 -0.38 5.01
CA HIS C 55 -6.57 -1.02 4.41
C HIS C 55 -6.81 -2.47 4.91
N GLU C 56 -5.74 -3.22 5.20
CA GLU C 56 -5.84 -4.55 5.78
C GLU C 56 -6.41 -4.49 7.19
N PHE C 57 -5.76 -3.72 8.04
CA PHE C 57 -6.19 -3.59 9.40
C PHE C 57 -7.65 -3.18 9.50
N ALA C 58 -8.01 -2.12 8.79
CA ALA C 58 -9.40 -1.68 8.77
C ALA C 58 -10.40 -2.84 8.68
N ALA C 59 -10.19 -3.77 7.76
CA ALA C 59 -11.16 -4.84 7.60
C ALA C 59 -10.95 -6.00 8.61
N ASN C 60 -10.65 -5.68 9.88
CA ASN C 60 -10.52 -6.71 10.91
C ASN C 60 -11.88 -7.15 11.49
N GLY C 61 -11.86 -8.33 12.12
CA GLY C 61 -13.04 -8.98 12.63
C GLY C 61 -13.77 -8.26 13.75
N ILE C 62 -13.04 -7.83 14.79
CA ILE C 62 -13.68 -7.14 15.89
C ILE C 62 -14.54 -6.03 15.35
N ASP C 63 -13.98 -5.24 14.47
CA ASP C 63 -14.77 -4.15 13.92
C ASP C 63 -15.94 -4.64 13.09
N ARG C 64 -15.77 -5.64 12.23
CA ARG C 64 -16.87 -6.17 11.43
C ARG C 64 -18.02 -6.51 12.39
N LEU C 65 -17.65 -7.16 13.52
CA LEU C 65 -18.57 -7.65 14.57
C LEU C 65 -19.30 -6.51 15.21
N TYR C 66 -18.53 -5.55 15.69
CA TYR C 66 -19.08 -4.39 16.32
C TYR C 66 -20.09 -3.64 15.45
N LYS C 67 -19.82 -3.51 14.16
CA LYS C 67 -20.77 -2.87 13.23
C LYS C 67 -22.06 -3.64 13.15
N VAL C 69 -23.34 -5.56 15.37
CA VAL C 69 -24.09 -5.47 16.61
C VAL C 69 -24.83 -4.18 16.66
N GLU C 70 -24.14 -3.07 16.45
CA GLU C 70 -24.78 -1.78 16.55
C GLU C 70 -25.89 -1.68 15.53
N SER C 71 -25.68 -2.34 14.41
CA SER C 71 -26.62 -2.28 13.31
C SER C 71 -27.96 -2.88 13.68
N GLN C 72 -27.93 -3.96 14.43
CA GLN C 72 -29.09 -4.68 14.86
C GLN C 72 -29.61 -4.22 16.22
N PHE C 73 -28.71 -3.79 17.10
CA PHE C 73 -29.09 -3.50 18.48
C PHE C 73 -28.76 -2.11 18.99
N GLY C 74 -28.04 -1.33 18.20
CA GLY C 74 -27.76 0.06 18.59
C GLY C 74 -26.71 0.17 19.66
N SER C 75 -26.61 1.33 20.29
CA SER C 75 -25.60 1.47 21.37
C SER C 75 -25.95 0.66 22.59
N GLY C 76 -27.23 0.46 22.85
CA GLY C 76 -27.64 -0.61 23.74
C GLY C 76 -26.86 -1.91 23.50
N GLY C 77 -26.80 -2.38 22.24
CA GLY C 77 -26.08 -3.60 21.91
C GLY C 77 -24.58 -3.45 21.99
N ASP C 78 -24.10 -2.26 21.68
CA ASP C 78 -22.68 -1.95 21.76
C ASP C 78 -22.17 -2.11 23.17
N LYS C 79 -22.85 -1.47 24.10
CA LYS C 79 -22.51 -1.59 25.50
C LYS C 79 -22.52 -3.07 25.92
N GLU C 80 -23.55 -3.79 25.52
CA GLU C 80 -23.64 -5.21 25.85
C GLU C 80 -22.48 -5.97 25.24
N LEU C 81 -22.19 -5.71 23.96
CA LEU C 81 -21.04 -6.31 23.30
C LEU C 81 -19.72 -6.07 24.03
N GLU C 82 -19.52 -4.84 24.51
CA GLU C 82 -18.28 -4.49 25.15
C GLU C 82 -18.10 -5.25 26.47
N TRP C 83 -19.16 -5.30 27.27
CA TRP C 83 -19.16 -6.13 28.46
C TRP C 83 -18.76 -7.57 28.06
N LEU C 84 -19.49 -8.17 27.12
CA LEU C 84 -19.19 -9.54 26.70
C LEU C 84 -17.73 -9.75 26.25
N ILE C 85 -17.18 -8.80 25.52
CA ILE C 85 -15.82 -8.92 25.07
C ILE C 85 -14.90 -8.91 26.26
N GLY C 86 -15.09 -7.96 27.16
CA GLY C 86 -14.30 -7.90 28.39
C GLY C 86 -14.34 -9.21 29.17
N ARG C 87 -15.54 -9.74 29.36
CA ARG C 87 -15.64 -11.00 30.07
C ARG C 87 -14.81 -12.03 29.38
N SER C 88 -14.96 -12.13 28.06
CA SER C 88 -14.10 -12.97 27.24
C SER C 88 -12.60 -12.75 27.51
N LEU C 89 -12.13 -11.51 27.50
CA LEU C 89 -10.71 -11.26 27.63
C LEU C 89 -10.27 -11.83 28.95
N ILE C 90 -11.03 -11.54 29.99
CA ILE C 90 -10.76 -12.02 31.31
C ILE C 90 -10.78 -13.53 31.40
N GLN C 91 -11.82 -14.17 30.90
CA GLN C 91 -11.85 -15.63 30.95
C GLN C 91 -10.65 -16.27 30.26
N SER C 93 -7.46 -14.91 30.49
CA SER C 93 -6.42 -14.90 31.54
C SER C 93 -6.35 -16.20 32.33
N LYS C 94 -7.50 -16.69 32.77
CA LYS C 94 -7.64 -17.99 33.46
C LYS C 94 -7.69 -17.80 34.97
N GLY D 5 26.32 -8.67 11.66
CA GLY D 5 26.92 -9.57 10.62
C GLY D 5 26.98 -8.88 9.26
N ARG D 6 26.10 -9.32 8.34
CA ARG D 6 25.96 -8.69 7.01
C ARG D 6 25.09 -7.44 7.05
N ILE D 7 24.02 -7.52 7.85
CA ILE D 7 23.16 -6.39 8.16
C ILE D 7 24.00 -5.15 8.47
N PHE D 8 24.95 -5.30 9.38
CA PHE D 8 25.78 -4.18 9.75
C PHE D 8 26.52 -3.57 8.55
N LYS D 9 27.14 -4.42 7.73
CA LYS D 9 27.88 -3.94 6.56
C LYS D 9 26.98 -3.14 5.65
N PHE D 11 24.08 -1.62 6.58
CA PHE D 11 23.76 -0.38 7.24
C PHE D 11 24.83 0.65 6.82
N ILE D 12 26.10 0.29 7.05
CA ILE D 12 27.30 1.12 6.82
C ILE D 12 27.47 1.68 5.44
N GLU D 13 27.11 0.92 4.42
CA GLU D 13 27.32 1.34 3.05
C GLU D 13 26.44 2.46 2.59
N HIS D 14 25.49 2.87 3.43
CA HIS D 14 24.67 4.03 3.15
C HIS D 14 25.42 5.27 3.58
N LEU D 15 26.21 5.12 4.63
CA LEU D 15 26.85 6.24 5.28
C LEU D 15 28.21 6.56 4.67
N GLU D 16 28.56 7.85 4.61
CA GLU D 16 29.85 8.35 4.09
C GLU D 16 30.82 8.80 5.20
N PHE D 17 31.72 7.89 5.58
CA PHE D 17 32.62 8.15 6.70
C PHE D 17 33.84 9.04 6.46
N GLU D 18 34.14 9.34 5.21
CA GLU D 18 35.43 9.91 4.89
C GLU D 18 35.44 11.27 4.24
N LYS D 19 34.41 12.07 4.38
CA LYS D 19 34.49 13.39 3.79
C LYS D 19 33.98 14.38 4.81
N GLY D 20 34.20 14.02 6.08
CA GLY D 20 33.94 14.95 7.18
C GLY D 20 32.50 14.95 7.63
N LEU D 21 32.29 15.46 8.83
CA LEU D 21 30.98 15.52 9.45
C LEU D 21 29.84 15.83 8.48
N ASP D 22 29.87 16.98 7.84
CA ASP D 22 28.76 17.37 7.00
C ASP D 22 28.35 16.35 6.01
N ALA D 23 29.31 15.70 5.37
CA ALA D 23 29.01 14.70 4.36
C ALA D 23 28.37 13.49 5.01
N PHE D 24 28.74 13.20 6.23
CA PHE D 24 28.18 12.07 6.94
C PHE D 24 26.74 12.39 7.34
N SER D 25 26.51 13.57 7.94
CA SER D 25 25.14 14.10 8.11
C SER D 25 24.25 13.86 6.88
N GLN D 26 24.81 14.13 5.68
CA GLN D 26 24.09 13.97 4.41
C GLN D 26 23.69 12.56 4.16
N SER D 27 24.66 11.65 4.26
CA SER D 27 24.42 10.24 4.04
C SER D 27 23.22 9.81 4.86
N TRP D 28 23.32 10.03 6.18
CA TRP D 28 22.36 9.47 7.07
C TRP D 28 21.00 10.05 6.73
N ILE D 29 20.94 11.36 6.54
CA ILE D 29 19.66 11.98 6.22
C ILE D 29 19.07 11.47 4.91
N LYS D 30 19.91 11.22 3.88
CA LYS D 30 19.44 10.63 2.61
C LYS D 30 18.93 9.21 2.89
N ALA D 31 19.63 8.52 3.77
CA ALA D 31 19.37 7.13 4.03
C ALA D 31 18.04 7.02 4.71
N LEU D 32 17.77 7.98 5.59
CA LEU D 32 16.51 8.09 6.30
C LEU D 32 15.28 8.24 5.37
N GLU D 33 15.50 8.57 4.11
CA GLU D 33 14.41 8.59 3.18
C GLU D 33 14.12 7.23 2.60
N ASP D 34 15.05 6.28 2.66
CA ASP D 34 14.84 4.93 2.11
C ASP D 34 14.11 4.08 3.16
N SER D 35 12.94 3.59 2.80
CA SER D 35 12.11 2.88 3.75
C SER D 35 12.77 1.62 4.33
N GLU D 36 13.57 0.91 3.53
CA GLU D 36 14.25 -0.30 4.01
C GLU D 36 15.38 0.01 4.97
N PHE D 37 15.89 1.24 4.90
CA PHE D 37 16.96 1.68 5.81
C PHE D 37 16.35 1.84 7.17
N LEU D 38 15.18 2.48 7.16
CA LEU D 38 14.40 2.75 8.35
C LEU D 38 14.08 1.44 9.05
N ALA D 39 13.68 0.42 8.28
CA ALA D 39 13.47 -0.93 8.80
C ALA D 39 14.65 -1.41 9.64
N ILE D 40 15.86 -1.19 9.12
CA ILE D 40 17.06 -1.65 9.78
C ILE D 40 17.32 -0.86 11.05
N LEU D 41 17.05 0.44 11.04
CA LEU D 41 17.26 1.23 12.25
C LEU D 41 16.34 0.73 13.34
N ARG D 42 15.06 0.58 12.99
CA ARG D 42 14.05 0.07 13.88
C ARG D 42 14.53 -1.21 14.56
N LEU D 43 15.14 -2.11 13.79
CA LEU D 43 15.73 -3.32 14.37
C LEU D 43 16.64 -2.98 15.50
N LEU D 44 17.53 -2.05 15.24
CA LEU D 44 18.53 -1.68 16.20
C LEU D 44 17.88 -1.14 17.45
N PHE D 45 16.86 -0.31 17.29
CA PHE D 45 16.26 0.33 18.44
C PHE D 45 15.34 -0.57 19.25
N HIS D 46 14.83 -1.66 18.65
CA HIS D 46 13.82 -2.51 19.31
C HIS D 46 14.38 -3.09 20.60
N HIS D 47 15.56 -3.65 20.49
CA HIS D 47 16.36 -4.08 21.63
C HIS D 47 16.10 -3.23 22.85
N ILE D 48 16.21 -1.93 22.63
CA ILE D 48 16.43 -0.91 23.64
C ILE D 48 15.13 -0.43 24.27
N VAL D 49 14.02 -0.52 23.57
CA VAL D 49 12.78 0.01 24.10
C VAL D 49 11.82 -1.03 24.67
N THR D 50 12.34 -2.23 24.98
CA THR D 50 11.61 -3.35 25.63
C THR D 50 12.10 -3.48 27.10
N SER D 51 11.21 -3.40 28.09
CA SER D 51 11.70 -3.54 29.48
C SER D 51 11.15 -4.71 30.32
N GLU D 52 11.78 -4.91 31.50
CA GLU D 52 11.38 -5.91 32.53
C GLU D 52 10.22 -5.33 33.34
N SER D 53 10.40 -4.05 33.72
CA SER D 53 9.33 -3.13 34.17
C SER D 53 7.98 -3.44 33.46
N ALA D 54 8.09 -3.93 32.21
CA ALA D 54 7.00 -4.10 31.24
C ALA D 54 6.53 -5.55 31.05
N HIS D 55 7.46 -6.50 30.91
CA HIS D 55 7.07 -7.91 30.87
C HIS D 55 6.32 -8.21 32.18
N GLU D 56 6.71 -7.48 33.22
CA GLU D 56 6.07 -7.51 34.53
C GLU D 56 4.58 -7.14 34.46
N PHE D 57 4.31 -5.83 34.35
CA PHE D 57 2.98 -5.25 34.15
C PHE D 57 2.12 -6.09 33.20
N ALA D 58 2.71 -6.74 32.21
CA ALA D 58 1.92 -7.48 31.21
C ALA D 58 1.44 -8.85 31.65
N ALA D 59 1.89 -9.27 32.85
CA ALA D 59 1.72 -10.65 33.31
C ALA D 59 0.60 -10.79 34.34
N ASN D 60 0.40 -9.73 35.12
CA ASN D 60 -0.51 -9.75 36.25
C ASN D 60 -1.12 -8.35 36.55
N GLY D 61 -1.07 -7.43 35.58
CA GLY D 61 -1.68 -6.10 35.76
C GLY D 61 -3.19 -6.15 35.80
N ILE D 62 -3.81 -7.06 35.04
CA ILE D 62 -5.26 -7.22 35.07
C ILE D 62 -5.69 -7.74 36.42
N ASP D 63 -4.82 -8.50 37.07
CA ASP D 63 -5.11 -9.03 38.40
C ASP D 63 -5.12 -7.96 39.43
N ARG D 64 -4.11 -7.10 39.44
CA ARG D 64 -4.01 -6.00 40.42
C ARG D 64 -5.10 -4.98 40.15
N LEU D 65 -5.53 -4.96 38.89
CA LEU D 65 -6.55 -4.06 38.43
C LEU D 65 -7.86 -4.49 39.02
N TYR D 66 -8.16 -5.78 38.89
CA TYR D 66 -9.34 -6.40 39.48
C TYR D 66 -9.50 -6.20 40.99
N LYS D 67 -8.47 -6.64 41.71
CA LYS D 67 -8.43 -6.65 43.16
C LYS D 67 -8.57 -5.20 43.62
N VAL D 69 -10.33 -2.90 41.85
CA VAL D 69 -11.69 -2.52 41.54
C VAL D 69 -12.65 -3.07 42.60
N GLU D 70 -12.48 -4.37 42.94
CA GLU D 70 -13.29 -5.06 43.96
C GLU D 70 -13.13 -4.45 45.33
N SER D 71 -11.89 -4.10 45.66
CA SER D 71 -11.67 -3.57 46.97
C SER D 71 -12.20 -2.13 47.05
N GLN D 72 -12.65 -1.58 45.93
CA GLN D 72 -13.15 -0.20 45.98
C GLN D 72 -14.58 -0.08 45.65
N PHE D 73 -15.16 -1.11 45.03
CA PHE D 73 -16.52 -1.04 44.48
C PHE D 73 -17.32 -2.32 44.71
N GLY D 74 -16.76 -3.30 45.40
CA GLY D 74 -17.48 -4.56 45.58
C GLY D 74 -17.54 -5.35 44.29
N SER D 75 -18.56 -6.18 44.12
CA SER D 75 -18.64 -7.02 42.90
C SER D 75 -19.23 -6.24 41.75
N GLY D 76 -20.06 -5.24 42.08
CA GLY D 76 -20.49 -4.27 41.09
C GLY D 76 -19.28 -3.80 40.29
N GLY D 77 -18.10 -3.86 40.90
CA GLY D 77 -16.85 -3.52 40.24
C GLY D 77 -16.38 -4.41 39.10
N ASP D 78 -16.56 -5.72 39.19
CA ASP D 78 -16.18 -6.60 38.10
C ASP D 78 -16.97 -6.33 36.82
N LYS D 79 -18.30 -6.42 36.93
CA LYS D 79 -19.17 -6.27 35.76
C LYS D 79 -18.81 -5.00 35.00
N GLU D 80 -18.25 -4.04 35.71
CA GLU D 80 -17.98 -2.72 35.17
C GLU D 80 -16.64 -2.61 34.45
N LEU D 81 -15.62 -3.18 35.08
CA LEU D 81 -14.29 -3.18 34.55
C LEU D 81 -14.30 -4.02 33.28
N GLU D 82 -15.01 -5.15 33.34
CA GLU D 82 -15.22 -5.99 32.17
C GLU D 82 -15.78 -5.18 31.02
N TRP D 83 -16.76 -4.33 31.27
CA TRP D 83 -17.26 -3.48 30.22
C TRP D 83 -16.14 -2.58 29.70
N LEU D 84 -15.40 -1.96 30.59
CA LEU D 84 -14.47 -0.93 30.13
C LEU D 84 -13.39 -1.53 29.27
N ILE D 85 -12.98 -2.74 29.63
CA ILE D 85 -11.95 -3.44 28.90
C ILE D 85 -12.49 -3.73 27.50
N GLY D 86 -13.68 -4.33 27.45
CA GLY D 86 -14.40 -4.53 26.20
C GLY D 86 -14.34 -3.28 25.35
N ARG D 87 -14.68 -2.15 25.95
CA ARG D 87 -14.70 -0.89 25.23
C ARG D 87 -13.35 -0.53 24.70
N SER D 88 -12.31 -0.89 25.44
CA SER D 88 -10.94 -0.56 25.06
C SER D 88 -10.49 -1.30 23.81
N LEU D 89 -10.87 -2.57 23.70
CA LEU D 89 -10.66 -3.25 22.47
C LEU D 89 -11.40 -2.60 21.31
N ILE D 90 -12.70 -2.39 21.41
CA ILE D 90 -13.38 -1.71 20.31
C ILE D 90 -12.60 -0.49 19.86
N GLN D 91 -12.20 0.36 20.80
CA GLN D 91 -11.28 1.43 20.48
C GLN D 91 -10.18 1.02 19.53
N SER D 93 -9.98 -1.38 17.61
CA SER D 93 -10.36 -1.91 16.33
C SER D 93 -10.79 -0.85 15.35
N LYS D 94 -10.85 0.43 15.77
CA LYS D 94 -11.47 1.53 14.97
C LYS D 94 -10.48 2.19 14.05
N ASP E 4 -1.94 17.83 24.23
CA ASP E 4 -2.92 17.33 25.27
C ASP E 4 -2.96 15.80 25.32
N GLY E 5 -3.56 15.27 26.39
CA GLY E 5 -3.40 13.86 26.76
C GLY E 5 -2.70 13.85 28.12
N ARG E 6 -3.21 13.05 29.05
CA ARG E 6 -2.74 13.03 30.44
C ARG E 6 -1.25 12.69 30.59
N ILE E 7 -0.81 11.58 29.98
CA ILE E 7 0.58 11.14 30.03
C ILE E 7 1.51 12.19 29.45
N PHE E 8 1.18 12.68 28.26
CA PHE E 8 1.95 13.75 27.66
C PHE E 8 2.12 14.97 28.58
N LYS E 9 1.09 15.32 29.34
CA LYS E 9 1.16 16.49 30.20
C LYS E 9 2.12 16.34 31.35
N PHE E 11 4.71 14.40 31.16
CA PHE E 11 5.96 14.41 30.45
C PHE E 11 6.40 15.85 30.31
N ILE E 12 5.68 16.69 29.57
CA ILE E 12 6.24 18.01 29.35
C ILE E 12 6.41 18.90 30.60
N GLU E 13 5.67 18.68 31.68
CA GLU E 13 5.87 19.57 32.82
C GLU E 13 7.23 19.40 33.50
N HIS E 14 8.00 18.36 33.15
CA HIS E 14 9.44 18.23 33.55
C HIS E 14 10.38 19.14 32.75
N LEU E 15 9.81 19.87 31.81
CA LEU E 15 10.56 20.47 30.75
C LEU E 15 10.30 21.97 30.73
N GLU E 16 11.33 22.78 30.60
CA GLU E 16 11.12 24.20 30.61
C GLU E 16 11.05 24.79 29.20
N PHE E 17 9.92 25.38 28.82
CA PHE E 17 9.75 25.90 27.46
C PHE E 17 9.81 27.40 27.36
N GLU E 18 9.93 28.06 28.51
CA GLU E 18 9.77 29.52 28.60
C GLU E 18 11.06 30.31 28.73
N LYS E 19 12.22 29.67 28.67
CA LYS E 19 13.42 30.40 29.02
C LYS E 19 14.61 30.12 28.10
N GLY E 20 14.41 30.23 26.78
CA GLY E 20 15.49 30.02 25.80
C GLY E 20 15.80 28.55 25.67
N LEU E 21 16.54 28.19 24.63
CA LEU E 21 16.80 26.79 24.31
C LEU E 21 17.53 26.05 25.42
N ASP E 22 18.39 26.75 26.15
CA ASP E 22 19.29 26.09 27.10
C ASP E 22 18.56 25.70 28.33
N ALA E 23 17.71 26.59 28.81
CA ALA E 23 16.79 26.19 29.86
C ALA E 23 16.08 24.84 29.51
N PHE E 24 15.57 24.74 28.28
CA PHE E 24 14.87 23.54 27.85
C PHE E 24 15.86 22.40 27.87
N SER E 25 17.01 22.67 27.28
CA SER E 25 18.03 21.67 27.13
C SER E 25 18.45 21.07 28.46
N GLN E 26 18.76 21.94 29.43
CA GLN E 26 19.09 21.57 30.82
C GLN E 26 17.97 20.82 31.53
N SER E 27 16.75 21.35 31.45
CA SER E 27 15.63 20.72 32.13
C SER E 27 15.36 19.35 31.54
N TRP E 28 15.72 19.13 30.27
CA TRP E 28 15.76 17.76 29.74
C TRP E 28 16.85 16.98 30.46
N ILE E 29 18.05 17.55 30.61
CA ILE E 29 19.12 16.73 31.23
C ILE E 29 18.77 16.37 32.64
N LYS E 30 18.28 17.34 33.40
CA LYS E 30 17.93 17.04 34.77
C LYS E 30 16.80 16.02 34.73
N ALA E 31 15.82 16.26 33.87
CA ALA E 31 14.62 15.42 33.84
C ALA E 31 14.98 14.00 33.51
N LEU E 32 16.09 13.75 32.82
CA LEU E 32 16.30 12.36 32.49
C LEU E 32 17.08 11.58 33.53
N GLU E 33 16.86 11.94 34.78
CA GLU E 33 17.30 11.14 35.91
C GLU E 33 16.21 11.18 36.98
N ASP E 34 15.02 11.63 36.59
CA ASP E 34 13.85 11.32 37.36
C ASP E 34 13.13 10.24 36.57
N SER E 35 13.23 9.01 37.05
CA SER E 35 12.69 7.89 36.29
C SER E 35 11.16 7.86 36.01
N GLU E 36 10.42 8.90 36.37
CA GLU E 36 9.07 9.02 35.80
C GLU E 36 9.20 9.45 34.31
N PHE E 37 9.79 10.62 34.12
CA PHE E 37 10.16 11.11 32.81
C PHE E 37 10.78 9.99 31.96
N LEU E 38 11.75 9.27 32.54
CA LEU E 38 12.39 8.18 31.84
C LEU E 38 11.44 7.08 31.40
N ALA E 39 10.63 6.56 32.33
CA ALA E 39 9.72 5.46 32.00
C ALA E 39 8.74 5.96 30.98
N ILE E 40 8.26 7.21 31.12
CA ILE E 40 7.35 7.76 30.13
C ILE E 40 8.01 7.89 28.77
N LEU E 41 9.30 8.29 28.77
CA LEU E 41 10.00 8.54 27.53
C LEU E 41 10.12 7.24 26.77
N ARG E 42 10.55 6.19 27.44
CA ARG E 42 10.66 4.93 26.73
C ARG E 42 9.29 4.51 26.19
N LEU E 43 8.25 4.91 26.88
CA LEU E 43 6.92 4.55 26.48
C LEU E 43 6.60 5.22 25.14
N LEU E 44 6.92 6.51 25.06
CA LEU E 44 6.77 7.21 23.81
C LEU E 44 7.69 6.67 22.70
N PHE E 45 8.87 6.17 23.09
CA PHE E 45 9.80 5.64 22.11
C PHE E 45 9.21 4.37 21.56
N HIS E 46 8.95 3.47 22.49
CA HIS E 46 8.53 2.15 22.15
C HIS E 46 7.33 2.20 21.22
N HIS E 47 6.48 3.19 21.42
CA HIS E 47 5.35 3.39 20.53
C HIS E 47 5.82 3.45 19.08
N ILE E 48 6.72 4.38 18.76
CA ILE E 48 7.11 4.61 17.36
C ILE E 48 8.10 3.60 16.83
N VAL E 49 8.76 2.87 17.73
CA VAL E 49 9.70 1.85 17.29
C VAL E 49 8.93 0.64 16.85
N THR E 50 7.89 0.28 17.59
CA THR E 50 7.16 -0.99 17.37
C THR E 50 5.95 -0.81 16.48
N SER E 51 5.64 0.42 16.10
CA SER E 51 4.60 0.58 15.11
C SER E 51 5.18 1.30 13.87
N GLU E 52 4.36 1.62 12.86
CA GLU E 52 4.88 2.12 11.59
C GLU E 52 3.97 3.12 10.91
N SER E 53 4.55 4.06 10.18
CA SER E 53 3.79 5.03 9.39
C SER E 53 3.09 4.29 8.24
N ALA E 54 1.81 4.58 8.03
CA ALA E 54 1.11 4.05 6.87
C ALA E 54 1.95 4.37 5.63
N HIS E 55 2.24 5.64 5.45
CA HIS E 55 3.08 6.15 4.36
C HIS E 55 4.33 5.32 4.07
N GLU E 56 5.13 5.02 5.10
CA GLU E 56 6.38 4.28 4.85
C GLU E 56 6.21 2.77 4.66
N PHE E 57 5.13 2.21 5.18
CA PHE E 57 4.81 0.84 4.81
C PHE E 57 4.45 0.73 3.32
N ALA E 58 3.67 1.70 2.83
CA ALA E 58 3.32 1.73 1.43
C ALA E 58 4.55 1.71 0.49
N ALA E 59 5.66 2.32 0.89
CA ALA E 59 6.85 2.32 0.04
C ALA E 59 7.77 1.13 0.25
N ASN E 60 7.26 0.04 0.81
CA ASN E 60 8.09 -1.14 1.03
C ASN E 60 8.56 -1.75 -0.30
N GLY E 61 9.68 -2.44 -0.22
CA GLY E 61 10.40 -2.94 -1.37
C GLY E 61 9.70 -4.01 -2.17
N ILE E 62 9.11 -4.98 -1.49
CA ILE E 62 8.41 -6.09 -2.16
C ILE E 62 7.39 -5.58 -3.17
N ASP E 63 6.58 -4.60 -2.74
CA ASP E 63 5.65 -4.02 -3.65
C ASP E 63 6.36 -3.37 -4.86
N ARG E 64 7.46 -2.62 -4.62
CA ARG E 64 8.22 -2.03 -5.73
C ARG E 64 8.67 -3.11 -6.72
N LEU E 65 9.30 -4.15 -6.18
CA LEU E 65 9.66 -5.37 -6.91
C LEU E 65 8.52 -5.86 -7.79
N TYR E 66 7.33 -5.84 -7.23
CA TYR E 66 6.18 -6.42 -7.86
C TYR E 66 5.88 -5.63 -9.09
N LYS E 67 5.79 -4.31 -8.95
CA LYS E 67 5.37 -3.44 -10.06
C LYS E 67 6.40 -3.43 -11.13
N VAL E 69 8.48 -5.91 -11.86
CA VAL E 69 8.35 -7.20 -12.56
C VAL E 69 7.15 -7.13 -13.48
N GLU E 70 6.07 -6.55 -13.02
CA GLU E 70 4.89 -6.46 -13.87
C GLU E 70 5.11 -5.57 -15.10
N SER E 71 5.57 -4.35 -14.83
CA SER E 71 5.93 -3.39 -15.87
C SER E 71 6.70 -4.03 -17.03
N GLN E 72 7.64 -4.88 -16.68
CA GLN E 72 8.54 -5.52 -17.61
C GLN E 72 7.96 -6.76 -18.28
N PHE E 73 7.35 -7.66 -17.47
CA PHE E 73 6.94 -9.01 -17.86
C PHE E 73 5.46 -9.33 -17.72
N GLY E 74 4.66 -8.38 -17.26
CA GLY E 74 3.22 -8.55 -17.34
C GLY E 74 2.74 -9.42 -16.23
N SER E 75 1.56 -9.99 -16.39
CA SER E 75 1.02 -10.81 -15.31
C SER E 75 1.73 -12.13 -15.34
N GLY E 76 2.24 -12.53 -16.50
CA GLY E 76 3.06 -13.73 -16.60
C GLY E 76 4.26 -13.65 -15.66
N GLY E 77 4.89 -12.49 -15.61
CA GLY E 77 5.98 -12.28 -14.68
C GLY E 77 5.50 -12.24 -13.24
N ASP E 78 4.37 -11.62 -13.00
CA ASP E 78 3.76 -11.63 -11.69
C ASP E 78 3.67 -13.04 -11.14
N LYS E 79 3.08 -13.94 -11.93
CA LYS E 79 2.86 -15.33 -11.55
C LYS E 79 4.20 -15.97 -11.23
N GLU E 80 5.20 -15.75 -12.07
CA GLU E 80 6.52 -16.33 -11.89
C GLU E 80 7.28 -15.79 -10.68
N LEU E 81 7.13 -14.49 -10.44
CA LEU E 81 7.76 -13.82 -9.29
C LEU E 81 7.16 -14.32 -7.99
N GLU E 82 5.85 -14.53 -7.99
CA GLU E 82 5.21 -15.20 -6.89
C GLU E 82 5.80 -16.58 -6.59
N TRP E 83 5.98 -17.38 -7.62
CA TRP E 83 6.60 -18.68 -7.41
C TRP E 83 7.99 -18.50 -6.75
N LEU E 84 8.84 -17.68 -7.34
CA LEU E 84 10.16 -17.45 -6.81
C LEU E 84 10.18 -16.99 -5.35
N ILE E 85 9.31 -16.05 -4.99
CA ILE E 85 9.14 -15.61 -3.61
C ILE E 85 8.75 -16.75 -2.71
N GLY E 86 7.77 -17.53 -3.13
CA GLY E 86 7.38 -18.73 -2.39
C GLY E 86 8.58 -19.63 -2.20
N ARG E 87 9.28 -19.93 -3.29
CA ARG E 87 10.41 -20.82 -3.15
C ARG E 87 11.37 -20.26 -2.15
N SER E 88 11.66 -18.97 -2.24
CA SER E 88 12.63 -18.36 -1.37
C SER E 88 12.27 -18.48 0.10
N LEU E 89 11.03 -18.18 0.45
CA LEU E 89 10.57 -18.25 1.83
C LEU E 89 10.71 -19.65 2.40
N ILE E 90 10.35 -20.65 1.61
CA ILE E 90 10.47 -22.05 2.00
C ILE E 90 11.91 -22.44 2.19
N GLN E 91 12.75 -22.02 1.26
CA GLN E 91 14.16 -22.25 1.42
C GLN E 91 14.66 -21.66 2.72
N SER E 93 13.03 -21.38 5.45
CA SER E 93 12.54 -22.09 6.62
C SER E 93 13.40 -23.33 6.93
N LYS E 94 14.23 -23.77 5.97
CA LYS E 94 15.07 -24.96 6.13
C LYS E 94 16.32 -24.64 6.94
N GLY F 5 5.10 -2.34 37.50
CA GLY F 5 5.09 -1.69 38.86
C GLY F 5 5.29 -0.19 38.79
N ARG F 6 6.24 0.24 37.96
CA ARG F 6 6.52 1.66 37.66
C ARG F 6 5.51 2.22 36.64
N ILE F 7 5.30 1.43 35.59
CA ILE F 7 4.27 1.63 34.56
C ILE F 7 2.86 1.67 35.18
N PHE F 8 2.55 0.59 35.92
CA PHE F 8 1.29 0.41 36.61
C PHE F 8 0.90 1.61 37.45
N LYS F 9 1.90 2.20 38.12
CA LYS F 9 1.65 3.38 38.89
C LYS F 9 0.96 4.40 38.02
N PHE F 11 -0.47 4.06 35.00
CA PHE F 11 -1.73 3.61 34.47
C PHE F 11 -2.91 4.12 35.36
N ILE F 12 -2.95 3.68 36.63
CA ILE F 12 -3.79 4.25 37.71
C ILE F 12 -3.88 5.78 37.82
N GLU F 13 -2.78 6.50 37.57
CA GLU F 13 -2.79 7.98 37.60
C GLU F 13 -3.94 8.57 36.82
N HIS F 14 -4.38 7.84 35.79
CA HIS F 14 -5.50 8.23 34.95
C HIS F 14 -6.86 7.92 35.58
N LEU F 15 -6.92 6.92 36.44
CA LEU F 15 -8.20 6.46 36.91
C LEU F 15 -8.59 7.10 38.25
N GLU F 16 -9.90 7.29 38.43
CA GLU F 16 -10.43 7.80 39.67
C GLU F 16 -11.06 6.66 40.45
N PHE F 17 -10.49 6.35 41.61
CA PHE F 17 -10.98 5.24 42.42
C PHE F 17 -11.83 5.69 43.64
N GLU F 18 -11.66 6.96 44.03
CA GLU F 18 -12.31 7.60 45.20
C GLU F 18 -13.79 7.82 45.12
N LYS F 19 -14.32 8.12 43.92
CA LYS F 19 -15.66 8.68 43.82
C LYS F 19 -16.65 7.76 43.16
N GLY F 20 -16.43 6.46 43.36
CA GLY F 20 -17.49 5.51 43.07
C GLY F 20 -17.72 5.29 41.58
N LEU F 21 -18.34 4.17 41.25
CA LEU F 21 -18.40 3.63 39.87
C LEU F 21 -18.40 4.63 38.71
N ASP F 22 -19.40 5.50 38.65
CA ASP F 22 -19.50 6.48 37.56
C ASP F 22 -18.26 7.28 37.29
N ALA F 23 -17.78 7.97 38.32
CA ALA F 23 -16.55 8.75 38.18
C ALA F 23 -15.38 7.86 37.71
N PHE F 24 -15.40 6.58 38.05
CA PHE F 24 -14.37 5.67 37.59
C PHE F 24 -14.46 5.43 36.06
N SER F 25 -15.61 5.01 35.58
CA SER F 25 -15.89 5.03 34.14
C SER F 25 -15.46 6.32 33.43
N GLN F 26 -16.00 7.46 33.91
CA GLN F 26 -15.70 8.77 33.30
C GLN F 26 -14.22 8.86 33.14
N SER F 27 -13.48 8.49 34.19
CA SER F 27 -12.05 8.65 34.11
C SER F 27 -11.46 7.76 33.00
N TRP F 28 -11.92 6.51 32.92
CA TRP F 28 -11.38 5.53 31.95
C TRP F 28 -11.67 5.95 30.54
N ILE F 29 -12.95 6.16 30.25
CA ILE F 29 -13.38 6.68 28.94
C ILE F 29 -12.58 7.90 28.50
N LYS F 30 -12.51 8.93 29.33
CA LYS F 30 -11.68 10.07 29.07
C LYS F 30 -10.26 9.63 28.74
N ALA F 31 -9.77 8.62 29.43
CA ALA F 31 -8.40 8.12 29.24
C ALA F 31 -8.24 7.47 27.90
N LEU F 32 -9.31 6.84 27.44
CA LEU F 32 -9.29 6.13 26.18
C LEU F 32 -9.11 7.08 25.04
N GLU F 33 -9.08 8.37 25.33
CA GLU F 33 -8.83 9.37 24.30
C GLU F 33 -7.34 9.59 24.04
N ASP F 34 -6.54 9.59 25.10
CA ASP F 34 -5.08 9.74 25.04
C ASP F 34 -4.40 8.49 24.49
N SER F 35 -3.83 8.61 23.30
CA SER F 35 -3.34 7.46 22.56
C SER F 35 -2.25 6.70 23.31
N GLU F 36 -1.45 7.43 24.08
CA GLU F 36 -0.38 6.84 24.86
C GLU F 36 -0.94 5.89 25.92
N PHE F 37 -2.10 6.23 26.47
CA PHE F 37 -2.85 5.34 27.37
C PHE F 37 -3.23 4.07 26.65
N LEU F 38 -3.78 4.21 25.43
CA LEU F 38 -4.09 3.06 24.61
C LEU F 38 -2.89 2.12 24.47
N ALA F 39 -1.68 2.70 24.38
CA ALA F 39 -0.42 1.94 24.23
C ALA F 39 -0.19 1.05 25.44
N ILE F 40 -0.34 1.64 26.62
CA ILE F 40 -0.16 0.91 27.86
C ILE F 40 -1.20 -0.22 27.94
N LEU F 41 -2.39 0.11 27.48
CA LEU F 41 -3.44 -0.86 27.49
C LEU F 41 -3.04 -2.07 26.64
N ARG F 42 -2.38 -1.87 25.48
CA ARG F 42 -1.87 -3.00 24.67
C ARG F 42 -0.82 -3.79 25.42
N LEU F 43 0.03 -3.14 26.22
CA LEU F 43 1.00 -3.90 27.00
C LEU F 43 0.32 -4.86 27.92
N LEU F 44 -0.76 -4.41 28.53
CA LEU F 44 -1.54 -5.25 29.41
C LEU F 44 -2.10 -6.48 28.70
N PHE F 45 -2.85 -6.23 27.63
CA PHE F 45 -3.53 -7.26 26.88
C PHE F 45 -2.61 -8.19 26.09
N HIS F 46 -1.34 -7.82 25.95
CA HIS F 46 -0.47 -8.53 25.02
C HIS F 46 -0.22 -9.98 25.41
N HIS F 47 -0.03 -10.23 26.70
CA HIS F 47 0.11 -11.62 27.09
C HIS F 47 -1.17 -12.47 26.92
N ILE F 48 -2.32 -11.94 27.34
CA ILE F 48 -3.56 -12.68 27.28
C ILE F 48 -3.88 -13.14 25.87
N VAL F 49 -3.36 -12.42 24.89
CA VAL F 49 -3.79 -12.58 23.52
C VAL F 49 -2.82 -13.41 22.67
N THR F 50 -1.66 -13.67 23.26
CA THR F 50 -0.72 -14.73 22.90
C THR F 50 -1.41 -16.10 23.00
N SER F 51 -0.80 -17.15 22.43
CA SER F 51 -1.27 -18.54 22.64
C SER F 51 -0.21 -19.63 22.50
N GLU F 52 -0.54 -20.81 23.04
CA GLU F 52 0.41 -21.93 23.08
C GLU F 52 0.63 -22.50 21.68
N SER F 53 -0.48 -22.85 21.02
CA SER F 53 -0.47 -23.29 19.62
C SER F 53 0.24 -22.33 18.67
N ALA F 54 0.21 -21.02 18.96
CA ALA F 54 0.90 -20.02 18.12
C ALA F 54 2.38 -20.33 18.05
N HIS F 55 3.07 -20.31 19.18
CA HIS F 55 4.52 -20.46 19.12
C HIS F 55 4.94 -21.68 18.32
N GLU F 56 4.12 -22.74 18.41
CA GLU F 56 4.31 -23.98 17.64
C GLU F 56 4.31 -23.65 16.16
N PHE F 57 3.15 -23.18 15.71
CA PHE F 57 2.88 -22.73 14.36
C PHE F 57 4.03 -22.01 13.64
N ALA F 58 4.65 -20.99 14.20
CA ALA F 58 5.72 -20.24 13.48
C ALA F 58 7.04 -21.02 13.27
N ALA F 59 7.21 -22.04 14.11
CA ALA F 59 8.42 -22.80 14.13
C ALA F 59 8.27 -24.19 13.45
N ASN F 60 7.07 -24.75 13.35
CA ASN F 60 6.90 -26.02 12.61
C ASN F 60 5.81 -26.04 11.50
N GLY F 61 4.85 -25.13 11.60
CA GLY F 61 3.70 -25.09 10.69
C GLY F 61 3.87 -25.22 9.19
N ILE F 62 4.73 -24.43 8.56
CA ILE F 62 4.83 -24.52 7.09
C ILE F 62 5.28 -25.94 6.74
N ASP F 63 6.19 -26.45 7.56
CA ASP F 63 6.68 -27.78 7.40
C ASP F 63 5.51 -28.80 7.42
N ARG F 64 4.70 -28.80 8.48
CA ARG F 64 3.53 -29.69 8.53
C ARG F 64 2.66 -29.55 7.31
N LEU F 65 2.54 -28.33 6.80
CA LEU F 65 1.67 -28.01 5.65
C LEU F 65 2.22 -28.62 4.36
N TYR F 66 3.50 -28.37 4.15
CA TYR F 66 4.22 -28.87 3.00
C TYR F 66 4.09 -30.37 2.97
N LYS F 67 4.41 -31.03 4.08
CA LYS F 67 4.15 -32.46 4.28
C LYS F 67 2.76 -32.90 3.82
N VAL F 69 0.43 -31.42 1.98
CA VAL F 69 0.14 -31.17 0.57
C VAL F 69 0.92 -32.19 -0.26
N GLU F 70 2.23 -32.22 0.03
CA GLU F 70 3.23 -33.19 -0.46
C GLU F 70 2.61 -34.57 -0.61
N SER F 71 2.31 -35.14 0.56
CA SER F 71 1.59 -36.39 0.74
C SER F 71 0.47 -36.66 -0.25
N GLN F 72 -0.32 -35.65 -0.61
CA GLN F 72 -1.55 -35.98 -1.29
C GLN F 72 -1.94 -35.12 -2.50
N PHE F 73 -0.90 -34.57 -3.13
CA PHE F 73 -0.94 -34.07 -4.50
C PHE F 73 0.39 -34.41 -5.18
N GLY F 74 1.42 -34.71 -4.39
CA GLY F 74 2.76 -35.01 -4.92
C GLY F 74 3.59 -33.80 -5.32
N SER F 75 4.67 -34.01 -6.07
CA SER F 75 5.51 -32.90 -6.61
C SER F 75 4.69 -31.68 -7.07
N GLY F 76 3.57 -31.94 -7.74
CA GLY F 76 2.74 -30.92 -8.34
C GLY F 76 2.22 -29.93 -7.33
N GLY F 77 1.93 -30.42 -6.13
CA GLY F 77 1.46 -29.58 -5.02
C GLY F 77 2.57 -28.74 -4.43
N ASP F 78 3.79 -29.24 -4.46
CA ASP F 78 4.92 -28.44 -4.06
C ASP F 78 5.09 -27.13 -4.82
N LYS F 79 5.16 -27.20 -6.15
CA LYS F 79 5.22 -25.98 -6.97
C LYS F 79 4.00 -25.11 -6.69
N GLU F 80 2.83 -25.73 -6.53
CA GLU F 80 1.59 -25.02 -6.38
C GLU F 80 1.55 -24.25 -5.08
N LEU F 81 2.10 -24.90 -4.05
CA LEU F 81 2.14 -24.36 -2.72
C LEU F 81 3.07 -23.17 -2.70
N GLU F 82 4.26 -23.36 -3.25
CA GLU F 82 5.21 -22.29 -3.43
C GLU F 82 4.58 -21.06 -4.06
N TRP F 83 3.95 -21.24 -5.21
CA TRP F 83 3.26 -20.14 -5.85
C TRP F 83 2.29 -19.46 -4.88
N LEU F 84 1.46 -20.24 -4.20
CA LEU F 84 0.48 -19.70 -3.28
C LEU F 84 1.10 -18.91 -2.15
N ILE F 85 2.10 -19.48 -1.47
CA ILE F 85 2.69 -18.78 -0.31
C ILE F 85 3.31 -17.48 -0.86
N GLY F 86 3.99 -17.57 -2.00
CA GLY F 86 4.47 -16.38 -2.73
C GLY F 86 3.40 -15.33 -2.97
N ARG F 87 2.33 -15.74 -3.63
CA ARG F 87 1.17 -14.89 -3.81
C ARG F 87 0.65 -14.18 -2.52
N SER F 88 0.81 -14.84 -1.37
CA SER F 88 0.34 -14.28 -0.11
C SER F 88 1.23 -13.15 0.35
N LEU F 89 2.53 -13.40 0.31
CA LEU F 89 3.47 -12.34 0.58
C LEU F 89 3.13 -11.16 -0.29
N ILE F 90 2.94 -11.34 -1.60
CA ILE F 90 2.62 -10.16 -2.40
C ILE F 90 1.41 -9.42 -1.87
N GLN F 91 0.37 -10.14 -1.49
CA GLN F 91 -0.77 -9.54 -0.85
C GLN F 91 -0.47 -8.74 0.38
N SER F 93 1.67 -6.98 0.90
CA SER F 93 2.52 -5.86 0.57
C SER F 93 1.81 -4.72 -0.15
N LYS F 94 0.61 -4.97 -0.68
CA LYS F 94 -0.23 -4.01 -1.41
C LYS F 94 -0.67 -2.90 -0.48
N ASP G 4 -17.54 -11.34 6.49
CA ASP G 4 -17.16 -12.08 5.24
C ASP G 4 -16.05 -13.14 5.52
N GLY G 5 -15.63 -13.89 4.49
CA GLY G 5 -14.51 -14.86 4.62
C GLY G 5 -14.79 -15.95 5.62
N ARG G 6 -14.01 -17.02 5.63
CA ARG G 6 -14.36 -18.23 6.40
C ARG G 6 -14.48 -18.05 7.91
N ILE G 7 -13.38 -17.61 8.52
CA ILE G 7 -13.27 -17.77 9.97
C ILE G 7 -14.20 -16.85 10.73
N PHE G 8 -14.55 -15.73 10.12
CA PHE G 8 -15.58 -14.88 10.66
C PHE G 8 -16.93 -15.61 10.71
N LYS G 9 -17.44 -16.08 9.56
CA LYS G 9 -18.64 -16.95 9.48
C LYS G 9 -18.64 -17.99 10.59
N PHE G 11 -17.25 -18.20 13.42
CA PHE G 11 -17.37 -17.59 14.73
C PHE G 11 -18.76 -17.05 14.94
N ILE G 12 -19.20 -16.29 13.95
CA ILE G 12 -20.42 -15.52 14.01
C ILE G 12 -21.70 -16.39 14.08
N GLU G 13 -21.59 -17.69 13.82
CA GLU G 13 -22.79 -18.50 13.81
C GLU G 13 -22.98 -19.29 15.09
N HIS G 14 -22.06 -19.11 16.04
CA HIS G 14 -22.31 -19.41 17.44
C HIS G 14 -23.21 -18.36 18.08
N LEU G 15 -23.53 -17.32 17.32
CA LEU G 15 -24.21 -16.19 17.87
C LEU G 15 -25.59 -16.02 17.25
N GLU G 16 -26.52 -15.51 18.05
CA GLU G 16 -27.92 -15.31 17.66
C GLU G 16 -28.31 -13.82 17.48
N PHE G 17 -28.35 -13.32 16.24
CA PHE G 17 -28.73 -11.92 16.02
C PHE G 17 -30.21 -11.73 15.84
N GLU G 18 -30.84 -12.78 15.34
CA GLU G 18 -32.23 -12.77 14.93
C GLU G 18 -33.28 -12.70 16.06
N LYS G 19 -32.89 -12.71 17.34
CA LYS G 19 -33.94 -12.83 18.35
C LYS G 19 -33.83 -11.88 19.52
N GLY G 20 -33.33 -10.66 19.27
CA GLY G 20 -33.21 -9.65 20.31
C GLY G 20 -31.96 -9.79 21.15
N LEU G 21 -31.67 -8.72 21.88
CA LEU G 21 -30.40 -8.55 22.56
C LEU G 21 -30.06 -9.68 23.52
N ASP G 22 -30.99 -10.00 24.43
CA ASP G 22 -30.74 -11.04 25.44
C ASP G 22 -30.44 -12.37 24.81
N ALA G 23 -31.22 -12.72 23.78
CA ALA G 23 -30.98 -13.96 23.05
C ALA G 23 -29.53 -14.01 22.53
N PHE G 24 -29.02 -12.83 22.13
CA PHE G 24 -27.67 -12.64 21.62
C PHE G 24 -26.66 -12.89 22.73
N SER G 25 -26.76 -12.17 23.85
CA SER G 25 -25.85 -12.37 24.99
C SER G 25 -25.80 -13.82 25.43
N GLN G 26 -26.99 -14.41 25.55
CA GLN G 26 -27.14 -15.84 25.73
C GLN G 26 -26.15 -16.58 24.90
N SER G 27 -26.30 -16.48 23.58
CA SER G 27 -25.52 -17.31 22.67
C SER G 27 -24.04 -17.10 22.93
N TRP G 28 -23.67 -15.84 23.19
CA TRP G 28 -22.29 -15.52 23.49
C TRP G 28 -21.80 -16.35 24.68
N ILE G 29 -22.55 -16.33 25.79
CA ILE G 29 -22.16 -17.09 26.99
C ILE G 29 -22.08 -18.57 26.71
N LYS G 30 -23.08 -19.16 26.06
CA LYS G 30 -22.98 -20.61 25.74
C LYS G 30 -21.71 -20.87 24.95
N ALA G 31 -21.46 -20.04 23.94
CA ALA G 31 -20.36 -20.25 22.99
C ALA G 31 -19.02 -20.05 23.67
N LEU G 32 -19.05 -19.34 24.78
CA LEU G 32 -17.86 -18.99 25.50
C LEU G 32 -17.22 -20.18 26.24
N GLU G 33 -17.99 -21.25 26.43
CA GLU G 33 -17.43 -22.47 27.05
C GLU G 33 -17.25 -23.53 25.96
N ASP G 34 -17.12 -23.10 24.72
CA ASP G 34 -16.63 -23.96 23.67
C ASP G 34 -15.30 -23.38 23.12
N SER G 35 -14.28 -24.21 22.92
CA SER G 35 -12.96 -23.65 22.56
C SER G 35 -12.70 -23.34 21.08
N GLU G 36 -13.44 -23.89 20.13
CA GLU G 36 -13.22 -23.43 18.77
C GLU G 36 -13.58 -21.95 18.73
N PHE G 37 -14.77 -21.62 19.21
CA PHE G 37 -15.15 -20.22 19.46
C PHE G 37 -14.09 -19.50 20.26
N LEU G 38 -13.88 -19.91 21.50
CA LEU G 38 -12.93 -19.22 22.36
C LEU G 38 -11.64 -18.89 21.59
N ALA G 39 -11.17 -19.81 20.78
CA ALA G 39 -9.88 -19.65 20.12
C ALA G 39 -9.89 -18.84 18.83
N ILE G 40 -11.07 -18.59 18.29
CA ILE G 40 -11.18 -17.67 17.17
C ILE G 40 -11.30 -16.29 17.78
N LEU G 41 -11.85 -16.22 18.99
CA LEU G 41 -12.01 -14.94 19.63
C LEU G 41 -10.67 -14.45 20.09
N ARG G 42 -9.80 -15.37 20.50
CA ARG G 42 -8.47 -14.95 20.88
C ARG G 42 -7.68 -14.50 19.70
N LEU G 43 -7.90 -15.13 18.56
CA LEU G 43 -7.23 -14.74 17.35
C LEU G 43 -7.63 -13.32 16.91
N LEU G 44 -8.92 -13.01 16.98
CA LEU G 44 -9.39 -11.70 16.59
C LEU G 44 -8.84 -10.66 17.56
N PHE G 45 -8.80 -10.98 18.84
CA PHE G 45 -8.24 -10.07 19.83
C PHE G 45 -6.78 -9.83 19.51
N HIS G 46 -6.11 -10.86 19.05
CA HIS G 46 -4.70 -10.75 18.81
C HIS G 46 -4.40 -9.78 17.66
N HIS G 47 -5.25 -9.80 16.65
CA HIS G 47 -5.09 -8.93 15.51
C HIS G 47 -5.06 -7.47 15.93
N ILE G 48 -6.05 -7.03 16.72
CA ILE G 48 -6.17 -5.60 17.11
C ILE G 48 -5.29 -5.15 18.27
N VAL G 49 -4.85 -6.12 19.07
CA VAL G 49 -3.89 -5.83 20.14
C VAL G 49 -2.49 -5.57 19.56
N THR G 50 -2.04 -6.41 18.63
CA THR G 50 -0.68 -6.34 18.16
C THR G 50 -0.51 -5.53 16.89
N SER G 51 -1.53 -4.80 16.43
CA SER G 51 -1.24 -3.75 15.45
C SER G 51 -2.20 -2.57 15.47
N GLU G 52 -1.65 -1.36 15.34
CA GLU G 52 -2.38 -0.08 15.33
C GLU G 52 -3.03 0.27 14.01
N SER G 53 -3.66 1.44 14.00
CA SER G 53 -4.34 2.00 12.84
C SER G 53 -3.70 3.33 12.56
N ALA G 54 -3.88 3.86 11.35
CA ALA G 54 -3.22 5.11 10.98
C ALA G 54 -3.42 6.33 11.93
N HIS G 55 -4.66 6.68 12.21
CA HIS G 55 -4.97 7.89 13.00
C HIS G 55 -4.42 7.80 14.43
N GLU G 56 -4.35 6.59 14.99
CA GLU G 56 -3.85 6.31 16.36
C GLU G 56 -2.36 6.56 16.52
N PHE G 57 -1.60 6.01 15.60
CA PHE G 57 -0.16 6.18 15.54
C PHE G 57 0.24 7.65 15.27
N ALA G 58 -0.46 8.31 14.33
CA ALA G 58 -0.06 9.65 13.88
C ALA G 58 -0.24 10.72 14.97
N ALA G 59 -1.02 10.41 15.99
CA ALA G 59 -1.17 11.26 17.15
C ALA G 59 -0.25 10.71 18.23
N ASN G 60 1.03 10.54 17.96
CA ASN G 60 1.88 9.98 19.00
C ASN G 60 2.55 11.12 19.74
N GLY G 61 3.16 10.80 20.89
CA GLY G 61 3.80 11.82 21.73
C GLY G 61 4.98 12.52 21.10
N ILE G 62 5.85 11.72 20.50
CA ILE G 62 7.09 12.21 19.94
C ILE G 62 6.81 13.24 18.87
N ASP G 63 5.87 12.96 17.99
CA ASP G 63 5.53 14.00 17.02
C ASP G 63 4.94 15.25 17.67
N ARG G 64 4.07 15.09 18.67
CA ARG G 64 3.49 16.24 19.37
C ARG G 64 4.64 17.10 19.93
N LEU G 65 5.64 16.42 20.53
CA LEU G 65 6.83 17.05 21.17
C LEU G 65 7.65 17.84 20.18
N TYR G 66 8.10 17.11 19.15
CA TYR G 66 8.74 17.69 17.98
C TYR G 66 8.07 18.99 17.52
N LYS G 67 6.75 18.98 17.35
CA LYS G 67 6.02 20.16 16.90
C LYS G 67 6.06 21.30 17.93
N VAL G 69 8.47 21.86 20.21
CA VAL G 69 9.84 22.32 20.14
C VAL G 69 10.08 23.25 18.94
N GLU G 70 9.66 22.79 17.77
CA GLU G 70 9.82 23.55 16.55
C GLU G 70 9.10 24.87 16.61
N SER G 71 7.86 24.83 17.10
CA SER G 71 7.06 26.04 17.18
C SER G 71 7.75 27.16 18.00
N GLN G 72 8.30 26.76 19.15
CA GLN G 72 8.86 27.67 20.12
C GLN G 72 10.34 27.98 19.84
N PHE G 73 11.09 26.99 19.36
CA PHE G 73 12.51 27.15 19.23
C PHE G 73 13.06 27.01 17.80
N GLY G 74 12.18 26.73 16.83
CA GLY G 74 12.65 26.66 15.43
C GLY G 74 13.47 25.42 15.09
N SER G 75 14.12 25.42 13.93
CA SER G 75 14.96 24.29 13.53
C SER G 75 16.14 24.06 14.52
N GLY G 76 16.70 25.16 15.02
CA GLY G 76 17.60 25.12 16.16
C GLY G 76 17.11 24.23 17.30
N GLY G 77 15.89 24.45 17.77
CA GLY G 77 15.30 23.54 18.75
C GLY G 77 15.20 22.08 18.29
N ASP G 78 14.73 21.90 17.06
CA ASP G 78 14.62 20.58 16.49
C ASP G 78 15.93 19.84 16.53
N LYS G 79 17.01 20.55 16.26
CA LYS G 79 18.35 19.95 16.29
C LYS G 79 18.73 19.51 17.68
N GLU G 80 18.49 20.39 18.64
CA GLU G 80 18.82 20.07 19.99
C GLU G 80 17.93 18.96 20.53
N LEU G 81 16.63 19.00 20.19
CA LEU G 81 15.69 17.96 20.60
C LEU G 81 16.19 16.64 20.08
N GLU G 82 16.60 16.61 18.81
CA GLU G 82 17.10 15.39 18.19
C GLU G 82 18.30 14.83 18.94
N TRP G 83 19.23 15.69 19.32
CA TRP G 83 20.36 15.26 20.09
C TRP G 83 19.93 14.72 21.46
N LEU G 84 19.11 15.46 22.19
CA LEU G 84 18.58 15.00 23.48
C LEU G 84 17.94 13.62 23.36
N ILE G 85 17.03 13.47 22.42
CA ILE G 85 16.42 12.20 22.18
C ILE G 85 17.44 11.09 21.91
N GLY G 86 18.44 11.36 21.09
CA GLY G 86 19.42 10.34 20.75
C GLY G 86 20.18 9.92 21.99
N ARG G 87 20.62 10.95 22.70
CA ARG G 87 21.24 10.77 24.01
C ARG G 87 20.46 9.84 24.90
N SER G 88 19.19 10.17 25.12
CA SER G 88 18.29 9.35 25.92
C SER G 88 18.15 7.93 25.38
N LEU G 89 17.94 7.80 24.09
CA LEU G 89 17.74 6.49 23.53
C LEU G 89 18.97 5.63 23.84
N ILE G 90 20.17 6.18 23.63
CA ILE G 90 21.43 5.52 24.01
C ILE G 90 21.49 5.19 25.50
N GLN G 91 21.36 6.20 26.36
CA GLN G 91 21.35 5.97 27.80
C GLN G 91 20.41 4.85 28.23
N SER G 93 19.85 2.11 26.57
CA SER G 93 20.41 0.82 26.22
C SER G 93 21.49 0.39 27.21
N LYS G 94 21.88 1.33 28.07
CA LYS G 94 23.13 1.29 28.87
C LYS G 94 23.55 -0.10 29.35
N GLY H 5 -0.46 -26.67 17.00
CA GLY H 5 -1.64 -27.25 17.69
C GLY H 5 -2.94 -26.78 17.07
N ARG H 6 -3.62 -25.85 17.74
CA ARG H 6 -5.03 -25.43 17.45
C ARG H 6 -5.23 -24.21 16.48
N ILE H 7 -4.20 -23.37 16.39
CA ILE H 7 -4.10 -22.41 15.30
C ILE H 7 -4.08 -23.20 14.01
N PHE H 8 -3.15 -24.16 13.90
CA PHE H 8 -3.05 -25.03 12.75
C PHE H 8 -4.37 -25.70 12.44
N LYS H 9 -5.11 -26.03 13.50
CA LYS H 9 -6.46 -26.56 13.36
C LYS H 9 -7.30 -25.66 12.43
N PHE H 11 -6.33 -22.92 10.51
CA PHE H 11 -5.65 -22.68 9.27
C PHE H 11 -6.13 -23.70 8.22
N ILE H 12 -5.93 -25.00 8.44
CA ILE H 12 -6.37 -25.99 7.43
C ILE H 12 -7.87 -25.98 7.24
N GLU H 13 -8.60 -25.49 8.23
CA GLU H 13 -10.04 -25.32 8.09
C GLU H 13 -10.38 -24.48 6.85
N HIS H 14 -9.56 -23.47 6.55
CA HIS H 14 -9.78 -22.59 5.41
C HIS H 14 -9.53 -23.28 4.09
N LEU H 15 -8.97 -24.49 4.11
CA LEU H 15 -8.43 -25.16 2.91
C LEU H 15 -9.15 -26.45 2.43
N GLU H 16 -9.31 -26.58 1.11
CA GLU H 16 -10.04 -27.73 0.55
C GLU H 16 -9.14 -28.79 -0.07
N PHE H 17 -8.85 -29.81 0.73
CA PHE H 17 -8.04 -30.95 0.30
C PHE H 17 -8.72 -32.11 -0.46
N GLU H 18 -10.05 -32.13 -0.59
CA GLU H 18 -10.65 -33.19 -1.43
C GLU H 18 -10.70 -32.88 -2.93
N LYS H 19 -11.63 -32.04 -3.38
CA LYS H 19 -11.87 -31.81 -4.82
C LYS H 19 -10.64 -31.48 -5.77
N GLY H 20 -9.42 -31.82 -5.37
CA GLY H 20 -8.26 -31.77 -6.29
C GLY H 20 -7.25 -30.65 -6.06
N LEU H 21 -6.24 -30.54 -6.91
CA LEU H 21 -5.28 -29.44 -6.76
C LEU H 21 -5.97 -28.09 -7.01
N ASP H 22 -6.54 -27.89 -8.20
CA ASP H 22 -7.18 -26.62 -8.52
C ASP H 22 -8.19 -26.19 -7.49
N ALA H 23 -8.90 -27.14 -6.90
CA ALA H 23 -9.84 -26.81 -5.81
C ALA H 23 -9.15 -26.37 -4.51
N PHE H 24 -7.86 -26.64 -4.43
CA PHE H 24 -7.08 -26.26 -3.28
C PHE H 24 -6.54 -24.85 -3.47
N SER H 25 -5.94 -24.56 -4.63
CA SER H 25 -5.51 -23.20 -5.00
C SER H 25 -6.67 -22.29 -4.79
N GLN H 26 -7.73 -22.52 -5.57
CA GLN H 26 -9.03 -21.91 -5.37
C GLN H 26 -9.27 -21.59 -3.89
N SER H 27 -9.28 -22.63 -3.09
CA SER H 27 -9.58 -22.54 -1.69
C SER H 27 -8.76 -21.47 -1.00
N TRP H 28 -7.45 -21.48 -1.28
CA TRP H 28 -6.48 -20.57 -0.67
C TRP H 28 -6.68 -19.14 -1.17
N ILE H 29 -6.72 -18.98 -2.49
CA ILE H 29 -6.99 -17.68 -3.10
C ILE H 29 -8.20 -17.03 -2.46
N LYS H 30 -9.31 -17.77 -2.31
CA LYS H 30 -10.45 -17.19 -1.61
C LYS H 30 -10.07 -16.79 -0.18
N ALA H 31 -9.38 -17.69 0.53
CA ALA H 31 -8.97 -17.38 1.91
C ALA H 31 -8.24 -16.04 1.99
N LEU H 32 -7.49 -15.72 0.95
CA LEU H 32 -6.62 -14.54 0.94
C LEU H 32 -7.44 -13.28 0.97
N GLU H 33 -8.75 -13.41 0.85
CA GLU H 33 -9.61 -12.24 0.97
C GLU H 33 -10.04 -11.97 2.39
N ASP H 34 -9.84 -12.89 3.33
CA ASP H 34 -10.12 -12.57 4.73
C ASP H 34 -8.89 -12.02 5.40
N SER H 35 -9.02 -10.80 5.89
CA SER H 35 -7.97 -10.15 6.63
C SER H 35 -7.46 -11.04 7.76
N GLU H 36 -8.36 -11.84 8.32
CA GLU H 36 -8.04 -12.71 9.46
C GLU H 36 -7.25 -13.94 9.08
N PHE H 37 -7.46 -14.42 7.85
CA PHE H 37 -6.64 -15.49 7.31
C PHE H 37 -5.22 -15.00 7.10
N LEU H 38 -5.12 -13.80 6.59
CA LEU H 38 -3.84 -13.19 6.31
C LEU H 38 -3.10 -12.92 7.60
N ALA H 39 -3.85 -12.66 8.68
CA ALA H 39 -3.26 -12.51 10.02
C ALA H 39 -2.66 -13.85 10.44
N ILE H 40 -3.39 -14.94 10.19
CA ILE H 40 -2.93 -16.23 10.68
C ILE H 40 -1.73 -16.60 9.85
N LEU H 41 -1.73 -16.13 8.61
CA LEU H 41 -0.63 -16.39 7.68
C LEU H 41 0.61 -15.68 8.15
N ARG H 42 0.46 -14.47 8.66
CA ARG H 42 1.59 -13.78 9.28
C ARG H 42 2.17 -14.62 10.39
N LEU H 43 1.31 -15.15 11.25
CA LEU H 43 1.75 -16.05 12.30
C LEU H 43 2.65 -17.14 11.77
N LEU H 44 2.34 -17.62 10.57
CA LEU H 44 3.09 -18.72 9.96
C LEU H 44 4.52 -18.32 9.58
N PHE H 45 4.63 -17.18 8.90
CA PHE H 45 5.90 -16.75 8.32
C PHE H 45 6.77 -16.07 9.33
N HIS H 46 6.16 -15.59 10.41
CA HIS H 46 6.83 -14.82 11.42
C HIS H 46 8.22 -15.31 11.79
N HIS H 47 8.41 -16.61 12.04
CA HIS H 47 9.73 -16.97 12.53
C HIS H 47 10.75 -17.00 11.41
N ILE H 48 10.34 -17.62 10.31
CA ILE H 48 11.17 -17.81 9.14
C ILE H 48 11.79 -16.50 8.73
N VAL H 49 11.04 -15.44 8.88
CA VAL H 49 11.39 -14.16 8.34
C VAL H 49 12.31 -13.39 9.29
N THR H 50 12.90 -14.08 10.25
CA THR H 50 13.77 -13.39 11.19
C THR H 50 15.21 -13.90 11.23
N SER H 51 16.16 -12.98 11.06
CA SER H 51 17.56 -13.30 10.82
C SER H 51 18.33 -13.58 12.10
N GLU H 52 19.30 -14.48 12.02
CA GLU H 52 20.29 -14.58 13.07
C GLU H 52 21.22 -13.34 13.03
N SER H 53 21.74 -13.04 11.84
CA SER H 53 22.51 -11.83 11.57
C SER H 53 21.97 -10.58 12.30
N ALA H 54 20.69 -10.66 12.70
CA ALA H 54 19.93 -9.54 13.27
C ALA H 54 20.23 -9.29 14.72
N HIS H 55 20.32 -10.34 15.52
CA HIS H 55 20.57 -10.07 16.91
C HIS H 55 21.95 -9.53 17.22
N GLU H 56 22.95 -9.88 16.41
CA GLU H 56 24.31 -9.30 16.56
C GLU H 56 24.16 -7.79 16.44
N PHE H 57 23.69 -7.37 15.25
CA PHE H 57 23.46 -5.98 14.93
C PHE H 57 22.65 -5.18 15.97
N ALA H 58 21.69 -5.83 16.62
CA ALA H 58 20.92 -5.18 17.68
C ALA H 58 21.81 -4.80 18.87
N ALA H 59 22.76 -5.67 19.23
CA ALA H 59 23.59 -5.47 20.42
C ALA H 59 24.85 -4.64 20.19
N ASN H 60 25.61 -4.91 19.14
CA ASN H 60 26.91 -4.25 18.99
C ASN H 60 26.87 -3.07 18.06
N GLY H 61 25.97 -3.13 17.08
CA GLY H 61 25.83 -2.12 16.05
C GLY H 61 25.94 -0.72 16.62
N ILE H 62 25.23 -0.51 17.71
CA ILE H 62 25.24 0.78 18.37
C ILE H 62 26.61 1.24 18.89
N ASP H 63 27.45 0.29 19.31
CA ASP H 63 28.77 0.63 19.87
C ASP H 63 29.76 0.66 18.77
N ARG H 64 29.60 -0.25 17.82
CA ARG H 64 30.45 -0.28 16.66
C ARG H 64 30.41 1.11 16.01
N LEU H 65 29.20 1.67 15.91
CA LEU H 65 29.05 2.99 15.34
C LEU H 65 29.82 4.04 16.13
N TYR H 66 29.69 4.03 17.45
CA TYR H 66 30.50 4.92 18.30
C TYR H 66 31.97 4.94 17.90
N LYS H 67 32.54 3.76 17.72
CA LYS H 67 33.94 3.63 17.33
C LYS H 67 34.26 4.36 16.03
N VAL H 69 32.63 6.62 14.53
CA VAL H 69 32.24 7.98 14.65
C VAL H 69 33.40 8.73 15.30
N GLU H 70 33.96 8.16 16.37
CA GLU H 70 35.07 8.83 17.07
C GLU H 70 36.41 8.63 16.39
N SER H 71 36.56 7.53 15.66
CA SER H 71 37.81 7.32 15.01
C SER H 71 37.90 8.09 13.69
N GLN H 72 36.80 8.61 13.15
CA GLN H 72 36.87 9.43 11.92
C GLN H 72 36.63 10.90 12.16
N PHE H 73 35.89 11.24 13.20
CA PHE H 73 35.55 12.64 13.48
C PHE H 73 36.07 13.10 14.86
N GLY H 74 36.74 12.17 15.54
CA GLY H 74 37.38 12.47 16.79
C GLY H 74 36.36 12.86 17.80
N SER H 75 36.53 14.07 18.34
CA SER H 75 35.76 14.52 19.49
C SER H 75 34.29 14.66 19.08
N GLY H 76 34.08 15.45 18.02
CA GLY H 76 32.76 15.73 17.45
C GLY H 76 31.94 14.54 17.00
N GLY H 77 32.58 13.39 16.91
CA GLY H 77 31.89 12.18 16.48
C GLY H 77 30.73 11.75 17.34
N ASP H 78 30.90 11.78 18.65
CA ASP H 78 29.82 11.36 19.56
C ASP H 78 28.56 12.18 19.49
N LYS H 79 28.71 13.50 19.52
CA LYS H 79 27.57 14.39 19.43
C LYS H 79 26.83 14.12 18.12
N GLU H 80 27.60 13.91 17.06
CA GLU H 80 27.05 13.70 15.74
C GLU H 80 26.16 12.43 15.63
N LEU H 81 26.74 11.27 15.95
CA LEU H 81 25.98 10.06 16.08
C LEU H 81 24.76 10.28 16.94
N GLU H 82 24.94 10.99 18.05
CA GLU H 82 23.82 11.18 18.97
C GLU H 82 22.68 11.93 18.34
N TRP H 83 22.99 13.11 17.82
CA TRP H 83 22.03 13.82 17.01
C TRP H 83 21.36 12.96 15.89
N LEU H 84 22.11 12.26 15.06
CA LEU H 84 21.46 11.50 13.97
C LEU H 84 20.54 10.37 14.42
N ILE H 85 20.88 9.71 15.51
CA ILE H 85 20.03 8.68 16.08
C ILE H 85 18.69 9.33 16.37
N GLY H 86 18.72 10.42 17.14
CA GLY H 86 17.51 11.16 17.51
C GLY H 86 16.70 11.56 16.30
N ARG H 87 17.40 12.13 15.33
CA ARG H 87 16.80 12.47 14.06
C ARG H 87 16.11 11.24 13.42
N SER H 88 16.74 10.07 13.50
CA SER H 88 16.10 8.86 13.05
C SER H 88 14.76 8.59 13.76
N LEU H 89 14.77 8.55 15.09
CA LEU H 89 13.52 8.43 15.82
C LEU H 89 12.48 9.41 15.31
N ILE H 90 12.83 10.70 15.30
CA ILE H 90 11.89 11.68 14.78
C ILE H 90 11.25 11.21 13.46
N GLN H 91 12.03 10.78 12.49
CA GLN H 91 11.47 10.21 11.29
C GLN H 91 10.43 9.10 11.52
N SER H 93 8.44 8.85 13.65
CA SER H 93 7.29 9.50 14.21
C SER H 93 6.40 10.26 13.21
N LYS H 94 6.92 10.61 12.03
CA LYS H 94 6.21 11.45 11.04
C LYS H 94 4.91 10.82 10.56
#